data_6MDF
#
_entry.id   6MDF
#
_cell.length_a   53.970
_cell.length_b   58.581
_cell.length_c   190.030
_cell.angle_alpha   90.00
_cell.angle_beta   90.00
_cell.angle_gamma   90.00
#
_symmetry.space_group_name_H-M   'P 21 21 21'
#
loop_
_entity.id
_entity.type
_entity.pdbx_description
1 polymer 'Mevalonate kinase'
2 non-polymer '(3R)-3-HYDROXY-3-METHYL-5-(PHOSPHONOOXY)PENTANOIC ACID'
3 non-polymer GLYCEROL
4 water water
#
_entity_poly.entity_id   1
_entity_poly.type   'polypeptide(L)'
_entity_poly.pdbx_seq_one_letter_code
;GHMVSCSAPGKIYLFGEHAVVYGETAIACAVELRTRVRAELNDSITIQSQIGRTGLDFEKHPYVSAVIEKMRKSIPINGV
FLTVDSDIPVGSGLGSSAAVTIASIGALNELFGFGLSLQEIAKLGHEIEIKVQGAASPTDTYVSTFGGVVTIPERRKLKT
PDCGIVIGDTGVFSSTKELVANVRQLRESYPDLIEPLMTSIGKISRIGEQLVLSGDYASIGRLMNVNQGLLDALGVNILE
LSQLIYSARAAGAFGAKITGAGGGGCMVALTAPEKCNQVAEAVAGAGGKVTITKPTEQGLKVD
;
_entity_poly.pdbx_strand_id   A,B
#
loop_
_chem_comp.id
_chem_comp.type
_chem_comp.name
_chem_comp.formula
GOL non-polymer GLYCEROL 'C3 H8 O3'
PMV non-polymer '(3R)-3-HYDROXY-3-METHYL-5-(PHOSPHONOOXY)PENTANOIC ACID' 'C6 H13 O7 P'
#
# COMPACT_ATOMS: atom_id res chain seq x y z
N GLY A 1 28.27 -23.78 -41.67
CA GLY A 1 26.93 -23.89 -42.23
C GLY A 1 25.98 -24.66 -41.35
N HIS A 2 25.55 -24.05 -40.25
CA HIS A 2 24.63 -24.69 -39.32
C HIS A 2 23.83 -23.66 -38.55
N MET A 3 23.40 -24.01 -37.34
CA MET A 3 22.57 -23.15 -36.52
C MET A 3 23.06 -23.20 -35.07
N VAL A 4 22.66 -22.19 -34.30
CA VAL A 4 23.08 -22.06 -32.90
C VAL A 4 21.93 -21.44 -32.11
N SER A 5 21.76 -21.89 -30.88
CA SER A 5 20.71 -21.43 -30.00
C SER A 5 21.30 -20.91 -28.70
N CYS A 6 20.85 -19.73 -28.26
CA CYS A 6 21.26 -19.14 -27.00
C CYS A 6 20.03 -18.71 -26.21
N SER A 7 20.15 -18.76 -24.88
CA SER A 7 19.08 -18.33 -24.01
C SER A 7 19.63 -17.47 -22.89
N ALA A 8 18.81 -16.55 -22.41
CA ALA A 8 19.13 -15.67 -21.29
C ALA A 8 17.90 -15.52 -20.41
N PRO A 9 18.08 -15.48 -19.09
CA PRO A 9 16.92 -15.45 -18.19
C PRO A 9 16.37 -14.05 -17.98
N GLY A 10 15.16 -14.01 -17.44
CA GLY A 10 14.59 -12.80 -16.88
C GLY A 10 14.93 -12.68 -15.41
N LYS A 11 14.35 -11.66 -14.78
CA LYS A 11 14.63 -11.42 -13.37
C LYS A 11 13.44 -10.78 -12.70
N ILE A 12 13.46 -10.81 -11.36
CA ILE A 12 12.48 -10.12 -10.53
C ILE A 12 13.23 -9.32 -9.47
N TYR A 13 12.64 -8.21 -9.05
CA TYR A 13 13.22 -7.38 -8.00
C TYR A 13 12.76 -7.90 -6.65
N LEU A 14 13.71 -8.39 -5.85
CA LEU A 14 13.39 -8.72 -4.47
C LEU A 14 13.12 -7.45 -3.66
N PHE A 15 14.00 -6.45 -3.78
CA PHE A 15 13.79 -5.16 -3.15
C PHE A 15 14.37 -4.07 -4.04
N GLY A 16 13.86 -2.86 -3.88
CA GLY A 16 14.59 -1.67 -4.27
C GLY A 16 14.29 -1.09 -5.63
N GLU A 17 13.28 -1.57 -6.34
CA GLU A 17 12.92 -0.94 -7.60
C GLU A 17 12.43 0.49 -7.36
N HIS A 18 12.53 1.30 -8.42
CA HIS A 18 12.16 2.72 -8.43
C HIS A 18 13.12 3.57 -7.60
N ALA A 19 13.61 3.05 -6.48
CA ALA A 19 14.53 3.80 -5.64
C ALA A 19 15.97 3.77 -6.16
N VAL A 20 16.29 2.84 -7.06
CA VAL A 20 17.65 2.79 -7.61
C VAL A 20 17.96 4.05 -8.40
N VAL A 21 16.99 4.54 -9.17
CA VAL A 21 17.20 5.72 -9.99
C VAL A 21 17.54 6.95 -9.16
N TYR A 22 17.40 6.87 -7.84
CA TYR A 22 17.80 7.95 -6.93
C TYR A 22 18.98 7.55 -6.05
N GLY A 23 19.74 6.54 -6.48
CA GLY A 23 20.98 6.20 -5.79
C GLY A 23 20.83 5.31 -4.58
N GLU A 24 19.81 4.45 -4.55
CA GLU A 24 19.62 3.51 -3.45
C GLU A 24 19.88 2.09 -3.92
N THR A 25 20.14 1.20 -2.96
CA THR A 25 20.46 -0.18 -3.29
C THR A 25 19.20 -0.98 -3.60
N ALA A 26 19.37 -2.00 -4.43
CA ALA A 26 18.32 -2.94 -4.77
C ALA A 26 18.93 -4.32 -4.92
N ILE A 27 18.08 -5.33 -4.97
CA ILE A 27 18.50 -6.72 -5.10
C ILE A 27 17.67 -7.35 -6.22
N ALA A 28 18.31 -7.60 -7.35
CA ALA A 28 17.69 -8.28 -8.48
C ALA A 28 18.04 -9.76 -8.44
N CYS A 29 17.10 -10.59 -8.90
CA CYS A 29 17.25 -12.04 -8.83
C CYS A 29 16.80 -12.64 -10.15
N ALA A 30 17.73 -13.28 -10.85
CA ALA A 30 17.39 -13.95 -12.10
C ALA A 30 16.52 -15.16 -11.82
N VAL A 31 15.55 -15.40 -12.70
CA VAL A 31 14.64 -16.52 -12.55
C VAL A 31 14.69 -17.37 -13.81
N GLU A 32 14.17 -18.60 -13.70
CA GLU A 32 14.22 -19.55 -14.80
C GLU A 32 13.13 -19.32 -15.84
N LEU A 33 12.83 -18.06 -16.14
CA LEU A 33 12.04 -17.68 -17.31
C LEU A 33 13.02 -17.08 -18.30
N ARG A 34 13.20 -17.75 -19.44
CA ARG A 34 14.26 -17.39 -20.36
C ARG A 34 13.68 -17.03 -21.72
N THR A 35 14.51 -16.35 -22.52
CA THR A 35 14.22 -16.09 -23.93
C THR A 35 15.27 -16.83 -24.76
N ARG A 36 14.81 -17.67 -25.68
CA ARG A 36 15.69 -18.35 -26.60
C ARG A 36 15.79 -17.58 -27.90
N VAL A 37 17.00 -17.49 -28.44
CA VAL A 37 17.24 -16.91 -29.75
C VAL A 37 18.07 -17.91 -30.55
N ARG A 38 17.51 -18.44 -31.61
CA ARG A 38 18.20 -19.38 -32.49
C ARG A 38 18.69 -18.63 -33.72
N ALA A 39 19.94 -18.87 -34.11
CA ALA A 39 20.61 -18.15 -35.17
C ALA A 39 21.06 -19.12 -36.25
N GLU A 40 20.81 -18.76 -37.51
CA GLU A 40 21.28 -19.54 -38.64
C GLU A 40 21.79 -18.59 -39.71
N LEU A 41 22.73 -19.08 -40.52
CA LEU A 41 23.17 -18.32 -41.68
C LEU A 41 22.03 -18.22 -42.69
N ASN A 42 21.92 -17.07 -43.35
CA ASN A 42 20.84 -16.82 -44.29
C ASN A 42 21.33 -15.87 -45.37
N ASP A 43 20.52 -15.75 -46.42
CA ASP A 43 20.84 -14.82 -47.50
C ASP A 43 20.60 -13.38 -47.09
N SER A 44 19.51 -13.13 -46.37
CA SER A 44 19.15 -11.80 -45.91
C SER A 44 18.89 -11.84 -44.40
N ILE A 45 18.54 -10.70 -43.85
CA ILE A 45 18.26 -10.57 -42.42
C ILE A 45 16.78 -10.82 -42.19
N THR A 46 16.47 -11.81 -41.37
CA THR A 46 15.09 -12.14 -41.04
C THR A 46 14.98 -12.41 -39.55
N ILE A 47 13.98 -11.81 -38.91
CA ILE A 47 13.71 -11.97 -37.49
C ILE A 47 12.25 -12.38 -37.33
N GLN A 48 12.02 -13.49 -36.65
CA GLN A 48 10.67 -13.99 -36.40
C GLN A 48 10.48 -14.22 -34.91
N SER A 49 9.39 -13.70 -34.37
CA SER A 49 9.09 -13.86 -32.94
C SER A 49 7.58 -14.02 -32.80
N GLN A 50 7.08 -13.72 -31.60
CA GLN A 50 5.66 -13.83 -31.33
C GLN A 50 4.84 -12.90 -32.22
N ILE A 51 5.38 -11.74 -32.57
CA ILE A 51 4.61 -10.72 -33.28
C ILE A 51 4.89 -10.73 -34.77
N GLY A 52 5.39 -11.83 -35.31
CA GLY A 52 5.49 -12.00 -36.74
C GLY A 52 6.92 -12.06 -37.24
N ARG A 53 7.05 -12.10 -38.56
CA ARG A 53 8.33 -12.24 -39.24
C ARG A 53 8.67 -10.92 -39.94
N THR A 54 9.86 -10.41 -39.67
CA THR A 54 10.33 -9.15 -40.23
C THR A 54 11.74 -9.31 -40.73
N GLY A 55 12.22 -8.27 -41.41
CA GLY A 55 13.64 -8.06 -41.65
C GLY A 55 14.24 -7.25 -40.53
N LEU A 56 15.16 -6.35 -40.89
CA LEU A 56 15.55 -5.30 -39.98
C LEU A 56 14.35 -4.38 -39.76
N ASP A 57 13.89 -4.29 -38.51
CA ASP A 57 12.64 -3.59 -38.23
C ASP A 57 12.72 -3.05 -36.81
N PHE A 58 12.90 -1.74 -36.69
CA PHE A 58 12.97 -1.11 -35.38
C PHE A 58 11.60 -0.78 -34.81
N GLU A 59 10.52 -1.12 -35.51
CA GLU A 59 9.18 -0.96 -34.97
C GLU A 59 8.68 -2.23 -34.28
N LYS A 60 8.98 -3.39 -34.84
CA LYS A 60 8.56 -4.67 -34.27
C LYS A 60 9.66 -5.38 -33.51
N HIS A 61 10.90 -5.31 -33.99
CA HIS A 61 12.03 -6.00 -33.36
C HIS A 61 13.16 -5.01 -33.10
N PRO A 62 12.92 -4.03 -32.22
CA PRO A 62 13.94 -2.98 -32.04
C PRO A 62 15.23 -3.48 -31.42
N TYR A 63 15.16 -4.31 -30.38
CA TYR A 63 16.37 -4.74 -29.69
C TYR A 63 17.20 -5.69 -30.55
N VAL A 64 16.55 -6.66 -31.19
CA VAL A 64 17.26 -7.60 -32.04
C VAL A 64 17.85 -6.89 -33.26
N SER A 65 17.11 -5.94 -33.83
CA SER A 65 17.65 -5.20 -34.96
C SER A 65 18.84 -4.35 -34.56
N ALA A 66 18.78 -3.72 -33.39
CA ALA A 66 19.90 -2.90 -32.93
C ALA A 66 21.14 -3.74 -32.69
N VAL A 67 20.96 -4.96 -32.15
CA VAL A 67 22.09 -5.85 -31.93
C VAL A 67 22.78 -6.18 -33.24
N ILE A 68 21.99 -6.53 -34.26
CA ILE A 68 22.55 -6.84 -35.57
C ILE A 68 23.28 -5.62 -36.14
N GLU A 69 22.64 -4.46 -36.07
CA GLU A 69 23.24 -3.24 -36.60
C GLU A 69 24.59 -2.95 -35.95
N LYS A 70 24.68 -3.12 -34.63
CA LYS A 70 25.92 -2.82 -33.93
C LYS A 70 27.01 -3.83 -34.26
N MET A 71 26.71 -5.11 -34.08
CA MET A 71 27.74 -6.15 -34.23
C MET A 71 28.20 -6.32 -35.67
N ARG A 72 27.37 -5.95 -36.65
CA ARG A 72 27.78 -6.07 -38.04
C ARG A 72 28.90 -5.10 -38.41
N LYS A 73 29.21 -4.13 -37.53
CA LYS A 73 30.26 -3.15 -37.80
C LYS A 73 31.65 -3.68 -37.51
N SER A 74 31.78 -4.80 -36.80
CA SER A 74 33.07 -5.43 -36.56
C SER A 74 33.28 -6.63 -37.48
N ILE A 75 32.36 -7.59 -37.44
CA ILE A 75 32.31 -8.70 -38.38
C ILE A 75 31.05 -8.50 -39.23
N PRO A 76 31.18 -8.30 -40.53
CA PRO A 76 29.98 -7.99 -41.34
C PRO A 76 29.01 -9.16 -41.38
N ILE A 77 27.74 -8.87 -41.11
CA ILE A 77 26.66 -9.84 -41.16
C ILE A 77 25.77 -9.44 -42.33
N ASN A 78 25.92 -10.14 -43.46
CA ASN A 78 25.10 -9.88 -44.63
C ASN A 78 23.78 -10.64 -44.62
N GLY A 79 23.68 -11.70 -43.82
CA GLY A 79 22.46 -12.47 -43.72
C GLY A 79 22.43 -13.36 -42.51
N VAL A 80 21.26 -13.47 -41.88
CA VAL A 80 21.06 -14.27 -40.69
C VAL A 80 19.56 -14.44 -40.47
N PHE A 81 19.16 -15.58 -39.90
CA PHE A 81 17.78 -15.86 -39.56
C PHE A 81 17.70 -16.07 -38.05
N LEU A 82 17.05 -15.13 -37.36
CA LEU A 82 16.94 -15.16 -35.90
C LEU A 82 15.50 -15.49 -35.51
N THR A 83 15.32 -16.53 -34.71
CA THR A 83 14.03 -16.94 -34.19
C THR A 83 13.99 -16.73 -32.68
N VAL A 84 12.99 -15.99 -32.20
CA VAL A 84 12.90 -15.60 -30.80
C VAL A 84 11.69 -16.29 -30.17
N ASP A 85 11.93 -17.07 -29.12
CA ASP A 85 10.90 -17.65 -28.28
C ASP A 85 11.18 -17.26 -26.83
N SER A 86 10.12 -16.96 -26.08
CA SER A 86 10.31 -16.43 -24.74
C SER A 86 9.19 -16.91 -23.81
N ASP A 87 9.57 -17.20 -22.56
CA ASP A 87 8.61 -17.41 -21.49
C ASP A 87 8.40 -16.16 -20.66
N ILE A 88 9.08 -15.07 -20.99
CA ILE A 88 9.00 -13.81 -20.25
C ILE A 88 7.97 -12.93 -20.96
N PRO A 89 6.82 -12.66 -20.36
CA PRO A 89 5.81 -11.83 -21.04
C PRO A 89 6.28 -10.38 -21.15
N VAL A 90 6.11 -9.80 -22.33
CA VAL A 90 6.49 -8.41 -22.56
C VAL A 90 5.57 -7.52 -21.74
N GLY A 91 6.15 -6.74 -20.83
CA GLY A 91 5.38 -6.00 -19.85
C GLY A 91 5.81 -6.36 -18.45
N SER A 92 5.58 -5.46 -17.50
CA SER A 92 6.05 -5.59 -16.12
C SER A 92 7.57 -5.60 -16.04
N GLY A 93 8.09 -5.64 -14.81
CA GLY A 93 9.52 -5.68 -14.61
C GLY A 93 10.05 -7.10 -14.51
N LEU A 94 10.02 -7.82 -15.63
CA LEU A 94 10.62 -9.14 -15.72
C LEU A 94 11.85 -9.18 -16.60
N GLY A 95 12.21 -8.07 -17.25
CA GLY A 95 13.41 -8.02 -18.07
C GLY A 95 13.33 -8.78 -19.37
N SER A 96 12.20 -8.69 -20.07
CA SER A 96 12.07 -9.40 -21.34
C SER A 96 12.93 -8.76 -22.42
N SER A 97 13.05 -7.43 -22.42
CA SER A 97 13.85 -6.76 -23.43
C SER A 97 15.34 -7.03 -23.22
N ALA A 98 15.79 -7.07 -21.97
CA ALA A 98 17.18 -7.39 -21.70
C ALA A 98 17.50 -8.85 -22.01
N ALA A 99 16.56 -9.75 -21.79
CA ALA A 99 16.80 -11.16 -22.09
C ALA A 99 16.99 -11.38 -23.58
N VAL A 100 16.15 -10.77 -24.41
CA VAL A 100 16.28 -10.98 -25.85
C VAL A 100 17.51 -10.26 -26.38
N THR A 101 17.89 -9.14 -25.76
CA THR A 101 19.12 -8.46 -26.16
C THR A 101 20.34 -9.34 -25.87
N ILE A 102 20.43 -9.86 -24.65
CA ILE A 102 21.59 -10.68 -24.28
C ILE A 102 21.61 -11.97 -25.09
N ALA A 103 20.44 -12.59 -25.30
CA ALA A 103 20.41 -13.84 -26.07
C ALA A 103 20.71 -13.59 -27.54
N SER A 104 20.32 -12.44 -28.08
CA SER A 104 20.66 -12.13 -29.46
C SER A 104 22.16 -11.91 -29.63
N ILE A 105 22.79 -11.23 -28.66
CA ILE A 105 24.23 -11.07 -28.70
C ILE A 105 24.92 -12.41 -28.57
N GLY A 106 24.46 -13.25 -27.64
CA GLY A 106 25.09 -14.54 -27.44
C GLY A 106 25.02 -15.43 -28.65
N ALA A 107 23.86 -15.47 -29.31
CA ALA A 107 23.71 -16.31 -30.50
C ALA A 107 24.63 -15.83 -31.62
N LEU A 108 24.61 -14.53 -31.92
CA LEU A 108 25.45 -14.00 -32.98
C LEU A 108 26.94 -14.15 -32.64
N ASN A 109 27.29 -13.96 -31.37
CA ASN A 109 28.67 -14.18 -30.95
C ASN A 109 29.10 -15.61 -31.21
N GLU A 110 28.19 -16.56 -31.07
CA GLU A 110 28.50 -17.96 -31.33
C GLU A 110 28.44 -18.28 -32.81
N LEU A 111 27.50 -17.66 -33.54
CA LEU A 111 27.33 -17.99 -34.95
C LEU A 111 28.49 -17.46 -35.79
N PHE A 112 28.92 -16.22 -35.54
CA PHE A 112 29.94 -15.57 -36.33
C PHE A 112 31.29 -15.49 -35.64
N GLY A 113 31.43 -16.09 -34.45
CA GLY A 113 32.69 -16.13 -33.75
C GLY A 113 33.26 -14.78 -33.39
N PHE A 114 32.45 -13.92 -32.76
CA PHE A 114 32.95 -12.62 -32.33
C PHE A 114 33.96 -12.73 -31.20
N GLY A 115 33.94 -13.83 -30.44
CA GLY A 115 34.88 -14.01 -29.37
C GLY A 115 34.65 -13.11 -28.17
N LEU A 116 33.43 -12.63 -27.97
CA LEU A 116 33.14 -11.71 -26.89
C LEU A 116 33.03 -12.45 -25.56
N SER A 117 33.50 -11.81 -24.50
CA SER A 117 33.39 -12.35 -23.15
C SER A 117 32.05 -11.97 -22.53
N LEU A 118 31.72 -12.63 -21.42
CA LEU A 118 30.47 -12.33 -20.73
C LEU A 118 30.42 -10.88 -20.27
N GLN A 119 31.55 -10.35 -19.78
CA GLN A 119 31.61 -8.95 -19.42
C GLN A 119 31.38 -8.05 -20.64
N GLU A 120 31.98 -8.39 -21.78
CA GLU A 120 31.78 -7.61 -22.99
C GLU A 120 30.34 -7.72 -23.47
N ILE A 121 29.71 -8.89 -23.31
CA ILE A 121 28.32 -9.06 -23.73
C ILE A 121 27.41 -8.18 -22.88
N ALA A 122 27.63 -8.15 -21.57
CA ALA A 122 26.81 -7.31 -20.70
C ALA A 122 27.01 -5.84 -21.03
N LYS A 123 28.25 -5.43 -21.31
CA LYS A 123 28.49 -4.04 -21.69
C LYS A 123 27.85 -3.71 -23.03
N LEU A 124 27.93 -4.63 -23.99
CA LEU A 124 27.28 -4.40 -25.28
C LEU A 124 25.76 -4.37 -25.13
N GLY A 125 25.21 -5.25 -24.30
CA GLY A 125 23.77 -5.25 -24.10
C GLY A 125 23.26 -3.95 -23.50
N HIS A 126 24.05 -3.35 -22.59
CA HIS A 126 23.66 -2.07 -22.02
C HIS A 126 23.61 -0.98 -23.10
N GLU A 127 24.61 -0.95 -23.98
CA GLU A 127 24.64 0.05 -25.05
C GLU A 127 23.48 -0.15 -26.02
N ILE A 128 23.10 -1.40 -26.29
CA ILE A 128 21.96 -1.66 -27.16
C ILE A 128 20.69 -1.06 -26.56
N GLU A 129 20.46 -1.30 -25.27
CA GLU A 129 19.29 -0.75 -24.61
C GLU A 129 19.32 0.77 -24.55
N ILE A 130 20.50 1.38 -24.64
CA ILE A 130 20.57 2.83 -24.66
C ILE A 130 20.15 3.37 -26.02
N LYS A 131 20.60 2.74 -27.10
CA LYS A 131 20.26 3.20 -28.43
C LYS A 131 18.80 2.92 -28.78
N VAL A 132 18.14 2.00 -28.08
CA VAL A 132 16.74 1.71 -28.32
C VAL A 132 15.84 2.59 -27.46
N GLN A 133 16.20 2.78 -26.19
CA GLN A 133 15.37 3.51 -25.25
C GLN A 133 15.84 4.94 -25.00
N GLY A 134 16.95 5.34 -25.59
CA GLY A 134 17.51 6.68 -25.36
C GLY A 134 18.44 6.74 -24.17
N ALA A 135 18.02 6.15 -23.06
CA ALA A 135 18.85 6.03 -21.86
C ALA A 135 18.41 4.79 -21.11
N ALA A 136 19.36 3.98 -20.68
CA ALA A 136 19.04 2.73 -20.01
C ALA A 136 20.06 2.43 -18.92
N SER A 137 19.59 1.78 -17.85
CA SER A 137 20.47 1.36 -16.78
C SER A 137 21.16 0.04 -17.15
N PRO A 138 22.42 -0.14 -16.77
CA PRO A 138 23.11 -1.39 -17.12
C PRO A 138 22.68 -2.56 -16.24
N THR A 139 21.66 -2.34 -15.42
CA THR A 139 21.25 -3.37 -14.46
C THR A 139 20.60 -4.55 -15.16
N ASP A 140 19.67 -4.29 -16.09
CA ASP A 140 18.88 -5.37 -16.69
C ASP A 140 19.78 -6.34 -17.47
N THR A 141 20.63 -5.81 -18.35
CA THR A 141 21.43 -6.69 -19.19
C THR A 141 22.53 -7.40 -18.39
N TYR A 142 22.99 -6.80 -17.30
CA TYR A 142 23.99 -7.47 -16.47
C TYR A 142 23.42 -8.71 -15.80
N VAL A 143 22.26 -8.57 -15.16
CA VAL A 143 21.67 -9.70 -14.43
C VAL A 143 21.31 -10.82 -15.39
N SER A 144 20.76 -10.47 -16.56
CA SER A 144 20.42 -11.48 -17.55
C SER A 144 21.66 -12.13 -18.16
N THR A 145 22.81 -11.45 -18.10
CA THR A 145 24.04 -12.05 -18.60
C THR A 145 24.63 -13.05 -17.61
N PHE A 146 24.67 -12.71 -16.32
CA PHE A 146 25.38 -13.52 -15.34
C PHE A 146 24.47 -14.35 -14.45
N GLY A 147 23.17 -14.05 -14.40
CA GLY A 147 22.27 -14.82 -13.56
C GLY A 147 22.49 -14.58 -12.07
N GLY A 148 21.76 -15.34 -11.27
CA GLY A 148 21.94 -15.30 -9.84
C GLY A 148 21.27 -14.10 -9.17
N VAL A 149 21.73 -13.82 -7.96
CA VAL A 149 21.22 -12.72 -7.15
C VAL A 149 22.30 -11.64 -7.10
N VAL A 150 21.96 -10.45 -7.59
CA VAL A 150 22.91 -9.36 -7.77
C VAL A 150 22.33 -8.11 -7.13
N THR A 151 23.12 -7.43 -6.31
CA THR A 151 22.73 -6.15 -5.74
C THR A 151 23.10 -5.03 -6.71
N ILE A 152 22.33 -3.95 -6.65
CA ILE A 152 22.49 -2.81 -7.56
C ILE A 152 22.75 -1.58 -6.71
N PRO A 153 23.76 -0.76 -7.04
CA PRO A 153 24.68 -0.90 -8.17
C PRO A 153 26.02 -1.58 -7.85
N GLU A 154 26.17 -2.11 -6.64
CA GLU A 154 27.45 -2.69 -6.24
C GLU A 154 27.75 -4.01 -6.96
N ARG A 155 26.75 -4.64 -7.56
CA ARG A 155 26.92 -5.92 -8.27
C ARG A 155 27.51 -7.01 -7.36
N ARG A 156 27.11 -6.99 -6.09
CA ARG A 156 27.49 -8.06 -5.16
C ARG A 156 26.66 -9.30 -5.43
N LYS A 157 27.34 -10.43 -5.66
CA LYS A 157 26.65 -11.69 -5.89
C LYS A 157 26.27 -12.32 -4.55
N LEU A 158 24.99 -12.64 -4.39
CA LEU A 158 24.46 -13.25 -3.18
C LEU A 158 24.01 -14.67 -3.47
N LYS A 159 23.80 -15.44 -2.41
CA LYS A 159 23.41 -16.83 -2.56
C LYS A 159 22.00 -16.94 -3.12
N THR A 160 21.84 -17.75 -4.15
CA THR A 160 20.53 -17.95 -4.76
C THR A 160 19.60 -18.64 -3.78
N PRO A 161 18.43 -18.08 -3.50
CA PRO A 161 17.52 -18.73 -2.53
C PRO A 161 17.00 -20.06 -3.05
N ASP A 162 16.98 -21.04 -2.15
CA ASP A 162 16.37 -22.34 -2.44
C ASP A 162 14.86 -22.22 -2.21
N CYS A 163 14.23 -21.48 -3.11
CA CYS A 163 12.83 -21.10 -2.95
C CYS A 163 12.11 -21.23 -4.29
N GLY A 164 10.78 -21.32 -4.18
CA GLY A 164 9.94 -21.16 -5.34
C GLY A 164 9.55 -19.70 -5.53
N ILE A 165 9.24 -19.36 -6.77
CA ILE A 165 8.85 -18.00 -7.13
C ILE A 165 7.59 -18.09 -7.97
N VAL A 166 6.52 -17.48 -7.47
CA VAL A 166 5.23 -17.43 -8.15
C VAL A 166 5.04 -16.04 -8.71
N ILE A 167 4.86 -15.94 -10.02
CA ILE A 167 4.70 -14.67 -10.71
C ILE A 167 3.26 -14.55 -11.16
N GLY A 168 2.56 -13.54 -10.65
CA GLY A 168 1.18 -13.30 -11.03
C GLY A 168 1.05 -12.09 -11.94
N ASP A 169 0.71 -12.33 -13.21
CA ASP A 169 0.57 -11.26 -14.18
C ASP A 169 -0.88 -10.77 -14.17
N THR A 170 -1.08 -9.47 -13.95
CA THR A 170 -2.41 -8.89 -13.94
C THR A 170 -2.95 -8.60 -15.33
N GLY A 171 -2.13 -8.79 -16.38
CA GLY A 171 -2.56 -8.49 -17.73
C GLY A 171 -2.56 -7.03 -18.12
N VAL A 172 -2.59 -6.12 -17.15
CA VAL A 172 -2.48 -4.69 -17.45
C VAL A 172 -1.07 -4.38 -17.91
N PHE A 173 -0.94 -3.51 -18.91
CA PHE A 173 0.36 -3.19 -19.46
C PHE A 173 1.10 -2.22 -18.54
N SER A 174 2.34 -2.58 -18.19
CA SER A 174 3.18 -1.79 -17.30
C SER A 174 4.09 -0.91 -18.15
N SER A 175 3.68 0.35 -18.32
CA SER A 175 4.46 1.32 -19.09
C SER A 175 5.46 1.97 -18.14
N THR A 176 6.72 1.52 -18.22
CA THR A 176 7.73 1.91 -17.23
C THR A 176 7.96 3.42 -17.23
N LYS A 177 8.07 4.03 -18.41
CA LYS A 177 8.51 5.42 -18.50
C LYS A 177 7.58 6.36 -17.74
N GLU A 178 6.27 6.21 -17.91
CA GLU A 178 5.35 7.12 -17.25
C GLU A 178 5.28 6.88 -15.75
N LEU A 179 5.41 5.61 -15.32
CA LEU A 179 5.40 5.35 -13.88
C LEU A 179 6.64 5.94 -13.21
N VAL A 180 7.80 5.85 -13.85
CA VAL A 180 8.98 6.52 -13.34
C VAL A 180 8.78 8.02 -13.35
N ALA A 181 8.09 8.54 -14.36
CA ALA A 181 7.78 9.97 -14.40
C ALA A 181 6.79 10.34 -13.31
N ASN A 182 5.81 9.47 -13.04
CA ASN A 182 4.84 9.74 -11.98
C ASN A 182 5.50 9.80 -10.61
N VAL A 183 6.42 8.87 -10.35
CA VAL A 183 7.13 8.88 -9.08
C VAL A 183 8.00 10.13 -8.95
N ARG A 184 8.68 10.52 -10.03
CA ARG A 184 9.56 11.67 -9.97
C ARG A 184 8.78 12.94 -9.62
N GLN A 185 7.61 13.11 -10.22
CA GLN A 185 6.83 14.33 -9.99
C GLN A 185 6.23 14.34 -8.59
N LEU A 186 5.86 13.16 -8.08
CA LEU A 186 5.48 13.06 -6.69
C LEU A 186 6.64 13.41 -5.78
N ARG A 187 7.84 12.95 -6.13
CA ARG A 187 9.04 13.29 -5.36
C ARG A 187 9.29 14.79 -5.38
N GLU A 188 9.09 15.43 -6.55
CA GLU A 188 9.29 16.87 -6.65
C GLU A 188 8.23 17.64 -5.87
N SER A 189 7.01 17.11 -5.79
CA SER A 189 5.94 17.81 -5.09
C SER A 189 6.20 17.89 -3.59
N TYR A 190 6.69 16.80 -3.00
CA TYR A 190 6.95 16.72 -1.57
C TYR A 190 8.33 16.13 -1.36
N PRO A 191 9.39 16.94 -1.49
CA PRO A 191 10.74 16.37 -1.41
C PRO A 191 11.08 15.82 -0.04
N ASP A 192 10.81 16.59 1.03
CA ASP A 192 11.12 16.14 2.38
C ASP A 192 10.28 14.95 2.81
N LEU A 193 9.26 14.59 2.06
CA LEU A 193 8.44 13.42 2.36
C LEU A 193 8.84 12.20 1.54
N ILE A 194 9.00 12.38 0.23
CA ILE A 194 9.24 11.22 -0.64
C ILE A 194 10.69 10.78 -0.59
N GLU A 195 11.63 11.72 -0.56
CA GLU A 195 13.04 11.35 -0.55
C GLU A 195 13.41 10.46 0.65
N PRO A 196 12.97 10.73 1.88
CA PRO A 196 13.21 9.75 2.96
C PRO A 196 12.59 8.39 2.69
N LEU A 197 11.46 8.33 1.99
CA LEU A 197 10.89 7.04 1.63
C LEU A 197 11.81 6.27 0.69
N MET A 198 12.55 6.98 -0.16
CA MET A 198 13.55 6.34 -0.99
C MET A 198 14.70 5.79 -0.16
N THR A 199 15.08 6.52 0.90
CA THR A 199 16.10 6.02 1.81
C THR A 199 15.64 4.76 2.52
N SER A 200 14.34 4.68 2.85
CA SER A 200 13.82 3.50 3.53
C SER A 200 13.82 2.28 2.62
N ILE A 201 13.53 2.48 1.33
CA ILE A 201 13.57 1.37 0.39
C ILE A 201 14.99 0.84 0.24
N GLY A 202 15.96 1.75 0.15
CA GLY A 202 17.35 1.31 0.14
C GLY A 202 17.75 0.62 1.43
N LYS A 203 17.23 1.13 2.55
CA LYS A 203 17.48 0.49 3.83
C LYS A 203 16.95 -0.93 3.88
N ILE A 204 15.82 -1.19 3.20
CA ILE A 204 15.28 -2.54 3.17
C ILE A 204 16.20 -3.47 2.39
N SER A 205 16.74 -3.01 1.27
CA SER A 205 17.61 -3.85 0.46
C SER A 205 18.89 -4.20 1.21
N ARG A 206 19.45 -3.23 1.94
CA ARG A 206 20.69 -3.49 2.68
C ARG A 206 20.46 -4.45 3.83
N ILE A 207 19.33 -4.33 4.51
CA ILE A 207 18.96 -5.32 5.53
C ILE A 207 18.71 -6.67 4.88
N GLY A 208 17.96 -6.69 3.77
CA GLY A 208 17.66 -7.94 3.09
C GLY A 208 18.88 -8.64 2.52
N GLU A 209 19.98 -7.92 2.35
CA GLU A 209 21.19 -8.51 1.81
C GLU A 209 21.70 -9.63 2.72
N GLN A 210 21.77 -9.37 4.03
CA GLN A 210 22.21 -10.41 4.96
CA GLN A 210 22.21 -10.41 4.96
C GLN A 210 21.18 -11.53 5.05
N LEU A 211 19.89 -11.20 4.99
CA LEU A 211 18.87 -12.22 5.03
C LEU A 211 18.92 -13.13 3.80
N VAL A 212 19.38 -12.59 2.67
CA VAL A 212 19.58 -13.44 1.48
C VAL A 212 20.82 -14.30 1.67
N LEU A 213 21.88 -13.74 2.27
CA LEU A 213 23.09 -14.52 2.52
C LEU A 213 22.87 -15.58 3.60
N SER A 214 21.92 -15.34 4.51
CA SER A 214 21.62 -16.29 5.57
C SER A 214 20.54 -17.29 5.19
N GLY A 215 19.87 -17.10 4.05
CA GLY A 215 18.80 -18.00 3.65
C GLY A 215 17.51 -17.84 4.42
N ASP A 216 17.38 -16.77 5.21
CA ASP A 216 16.19 -16.52 6.02
C ASP A 216 15.06 -16.06 5.09
N TYR A 217 14.39 -17.03 4.48
CA TYR A 217 13.37 -16.70 3.48
C TYR A 217 12.12 -16.09 4.12
N ALA A 218 11.80 -16.46 5.36
CA ALA A 218 10.62 -15.89 6.00
C ALA A 218 10.85 -14.42 6.34
N SER A 219 12.05 -14.06 6.78
CA SER A 219 12.37 -12.65 7.00
C SER A 219 12.42 -11.88 5.69
N ILE A 220 12.93 -12.51 4.63
CA ILE A 220 12.98 -11.87 3.32
C ILE A 220 11.57 -11.51 2.85
N GLY A 221 10.65 -12.48 2.90
CA GLY A 221 9.28 -12.22 2.51
C GLY A 221 8.61 -11.17 3.37
N ARG A 222 8.95 -11.15 4.67
CA ARG A 222 8.42 -10.11 5.55
C ARG A 222 8.87 -8.73 5.11
N LEU A 223 10.15 -8.58 4.80
CA LEU A 223 10.65 -7.30 4.30
C LEU A 223 10.12 -6.99 2.90
N MET A 224 9.84 -8.02 2.10
CA MET A 224 9.19 -7.78 0.82
C MET A 224 7.84 -7.12 1.02
N ASN A 225 7.10 -7.52 2.05
CA ASN A 225 5.79 -6.93 2.32
C ASN A 225 5.92 -5.47 2.75
N VAL A 226 6.94 -5.15 3.54
CA VAL A 226 7.23 -3.76 3.87
C VAL A 226 7.56 -2.99 2.60
N ASN A 227 8.36 -3.58 1.72
CA ASN A 227 8.69 -2.93 0.46
C ASN A 227 7.45 -2.67 -0.37
N GLN A 228 6.47 -3.58 -0.32
CA GLN A 228 5.26 -3.40 -1.12
C GLN A 228 4.46 -2.19 -0.63
N GLY A 229 4.40 -1.97 0.68
CA GLY A 229 3.69 -0.82 1.20
C GLY A 229 4.32 0.49 0.78
N LEU A 230 5.66 0.54 0.76
CA LEU A 230 6.34 1.74 0.29
C LEU A 230 6.10 1.97 -1.19
N LEU A 231 6.14 0.91 -1.99
CA LEU A 231 5.80 1.02 -3.41
C LEU A 231 4.36 1.51 -3.59
N ASP A 232 3.45 0.96 -2.77
CA ASP A 232 2.08 1.46 -2.77
C ASP A 232 2.03 2.93 -2.40
N ALA A 233 2.85 3.34 -1.42
CA ALA A 233 2.89 4.75 -1.02
C ALA A 233 3.42 5.64 -2.13
N LEU A 234 4.26 5.10 -3.02
CA LEU A 234 4.78 5.88 -4.14
C LEU A 234 3.79 5.96 -5.30
N GLY A 235 2.68 5.24 -5.24
CA GLY A 235 1.64 5.37 -6.24
C GLY A 235 1.71 4.42 -7.42
N VAL A 236 2.56 3.40 -7.37
CA VAL A 236 2.74 2.49 -8.50
C VAL A 236 1.96 1.19 -8.31
N ASN A 237 1.07 1.13 -7.33
CA ASN A 237 0.25 -0.06 -7.09
C ASN A 237 -1.14 0.15 -7.69
N ILE A 238 -1.80 -0.97 -8.02
CA ILE A 238 -3.17 -0.95 -8.57
C ILE A 238 -3.98 -2.04 -7.89
N LEU A 239 -5.30 -1.98 -8.11
CA LEU A 239 -6.23 -2.93 -7.48
C LEU A 239 -5.85 -4.37 -7.80
N GLU A 240 -5.58 -4.67 -9.08
CA GLU A 240 -5.30 -6.04 -9.48
C GLU A 240 -4.02 -6.56 -8.83
N LEU A 241 -2.97 -5.75 -8.79
CA LEU A 241 -1.73 -6.17 -8.13
C LEU A 241 -1.98 -6.47 -6.67
N SER A 242 -2.70 -5.57 -5.99
CA SER A 242 -3.01 -5.78 -4.58
C SER A 242 -3.80 -7.07 -4.36
N GLN A 243 -4.69 -7.40 -5.29
CA GLN A 243 -5.49 -8.61 -5.15
C GLN A 243 -4.64 -9.87 -5.30
N LEU A 244 -3.71 -9.87 -6.25
CA LEU A 244 -2.83 -11.02 -6.40
C LEU A 244 -1.84 -11.12 -5.25
N ILE A 245 -1.34 -9.97 -4.77
CA ILE A 245 -0.36 -9.96 -3.70
C ILE A 245 -0.97 -10.51 -2.41
N TYR A 246 -2.16 -10.03 -2.04
CA TYR A 246 -2.76 -10.47 -0.80
C TYR A 246 -3.28 -11.91 -0.88
N SER A 247 -3.75 -12.32 -2.06
CA SER A 247 -4.13 -13.72 -2.24
C SER A 247 -2.94 -14.64 -2.03
N ALA A 248 -1.77 -14.24 -2.51
CA ALA A 248 -0.59 -15.08 -2.36
C ALA A 248 -0.16 -15.16 -0.90
N ARG A 249 -0.17 -14.03 -0.18
CA ARG A 249 0.15 -14.05 1.24
C ARG A 249 -0.80 -14.96 2.00
N ALA A 250 -2.11 -14.86 1.71
CA ALA A 250 -3.09 -15.67 2.42
C ALA A 250 -2.86 -17.16 2.19
N ALA A 251 -2.30 -17.53 1.03
CA ALA A 251 -2.08 -18.93 0.69
C ALA A 251 -0.74 -19.46 1.18
N GLY A 252 -0.02 -18.71 2.01
CA GLY A 252 1.19 -19.20 2.64
C GLY A 252 2.50 -18.73 2.07
N ALA A 253 2.52 -17.68 1.25
CA ALA A 253 3.78 -17.16 0.74
C ALA A 253 4.52 -16.42 1.83
N PHE A 254 5.86 -16.49 1.78
CA PHE A 254 6.68 -15.72 2.71
C PHE A 254 6.45 -14.23 2.52
N GLY A 255 6.26 -13.80 1.28
CA GLY A 255 6.03 -12.40 0.99
C GLY A 255 5.61 -12.26 -0.46
N ALA A 256 5.07 -11.09 -0.76
CA ALA A 256 4.64 -10.79 -2.12
C ALA A 256 4.71 -9.29 -2.33
N LYS A 257 5.10 -8.88 -3.52
CA LYS A 257 5.25 -7.47 -3.83
C LYS A 257 5.23 -7.28 -5.33
N ILE A 258 5.07 -6.02 -5.74
CA ILE A 258 5.28 -5.67 -7.13
C ILE A 258 6.73 -5.94 -7.50
N THR A 259 6.96 -6.38 -8.74
CA THR A 259 8.29 -6.44 -9.31
C THR A 259 8.32 -5.58 -10.56
N GLY A 260 9.16 -4.55 -10.56
CA GLY A 260 9.28 -3.67 -11.70
C GLY A 260 8.63 -2.31 -11.48
N ALA A 261 8.23 -1.66 -12.58
CA ALA A 261 7.72 -0.30 -12.50
C ALA A 261 6.39 -0.22 -11.77
N GLY A 262 5.61 -1.31 -11.75
CA GLY A 262 4.32 -1.28 -11.12
C GLY A 262 3.21 -0.84 -12.07
N GLY A 263 2.20 -0.15 -11.55
CA GLY A 263 1.11 0.37 -12.35
C GLY A 263 0.44 -0.64 -13.25
N GLY A 264 0.52 -1.91 -12.87
CA GLY A 264 0.11 -3.05 -13.67
C GLY A 264 1.25 -4.04 -13.77
N GLY A 265 1.07 -5.02 -14.63
CA GLY A 265 2.13 -6.01 -14.86
C GLY A 265 2.05 -7.14 -13.86
N CYS A 266 3.19 -7.49 -13.28
CA CYS A 266 3.32 -8.70 -12.47
C CYS A 266 3.66 -8.37 -11.03
N MET A 267 3.27 -9.27 -10.13
CA MET A 267 3.78 -9.33 -8.77
C MET A 267 4.58 -10.62 -8.60
N VAL A 268 5.36 -10.66 -7.53
CA VAL A 268 6.24 -11.80 -7.26
C VAL A 268 5.97 -12.28 -5.85
N ALA A 269 5.85 -13.60 -5.68
CA ALA A 269 5.63 -14.23 -4.39
C ALA A 269 6.76 -15.22 -4.12
N LEU A 270 7.54 -14.94 -3.08
CA LEU A 270 8.55 -15.89 -2.61
C LEU A 270 7.85 -16.92 -1.73
N THR A 271 7.79 -18.17 -2.19
CA THR A 271 7.11 -19.22 -1.45
C THR A 271 8.03 -20.44 -1.32
N ALA A 272 7.84 -21.17 -0.23
CA ALA A 272 8.52 -22.44 -0.07
C ALA A 272 8.05 -23.41 -1.16
N PRO A 273 8.90 -24.35 -1.57
CA PRO A 273 8.49 -25.30 -2.62
C PRO A 273 7.18 -26.01 -2.32
N GLU A 274 6.94 -26.33 -1.05
CA GLU A 274 5.71 -27.03 -0.67
C GLU A 274 4.46 -26.18 -0.87
N LYS A 275 4.60 -24.85 -0.91
CA LYS A 275 3.45 -23.95 -0.99
C LYS A 275 3.29 -23.34 -2.38
N CYS A 276 4.10 -23.76 -3.36
CA CYS A 276 4.04 -23.12 -4.68
C CYS A 276 2.68 -23.31 -5.34
N ASN A 277 2.17 -24.54 -5.35
CA ASN A 277 0.96 -24.82 -6.11
C ASN A 277 -0.26 -24.12 -5.52
N GLN A 278 -0.39 -24.15 -4.19
CA GLN A 278 -1.55 -23.48 -3.58
C GLN A 278 -1.42 -21.97 -3.67
N VAL A 279 -0.21 -21.43 -3.65
CA VAL A 279 -0.02 -20.00 -3.90
C VAL A 279 -0.37 -19.69 -5.35
N ALA A 280 0.02 -20.57 -6.27
CA ALA A 280 -0.31 -20.37 -7.68
C ALA A 280 -1.81 -20.44 -7.91
N GLU A 281 -2.50 -21.34 -7.21
CA GLU A 281 -3.95 -21.44 -7.36
C GLU A 281 -4.65 -20.20 -6.80
N ALA A 282 -4.14 -19.67 -5.68
CA ALA A 282 -4.75 -18.49 -5.09
C ALA A 282 -4.60 -17.27 -6.00
N VAL A 283 -3.41 -17.08 -6.58
CA VAL A 283 -3.21 -15.96 -7.49
C VAL A 283 -4.06 -16.14 -8.74
N ALA A 284 -4.15 -17.36 -9.25
CA ALA A 284 -5.04 -17.63 -10.38
C ALA A 284 -6.48 -17.41 -9.99
N GLY A 285 -6.89 -17.94 -8.83
CA GLY A 285 -8.24 -17.73 -8.34
C GLY A 285 -8.60 -16.27 -8.15
N ALA A 286 -7.60 -15.41 -7.97
CA ALA A 286 -7.82 -13.97 -7.87
C ALA A 286 -7.76 -13.28 -9.22
N GLY A 287 -7.68 -14.04 -10.31
CA GLY A 287 -7.69 -13.47 -11.64
C GLY A 287 -6.33 -13.04 -12.14
N GLY A 288 -5.34 -13.91 -11.99
CA GLY A 288 -3.99 -13.59 -12.42
C GLY A 288 -3.37 -14.72 -13.21
N LYS A 289 -2.66 -14.35 -14.28
CA LYS A 289 -1.94 -15.33 -15.10
C LYS A 289 -0.68 -15.76 -14.35
N VAL A 290 -0.68 -16.97 -13.83
CA VAL A 290 0.35 -17.41 -12.90
C VAL A 290 1.46 -18.13 -13.65
N THR A 291 2.69 -17.91 -13.20
CA THR A 291 3.86 -18.62 -13.70
C THR A 291 4.67 -19.10 -12.52
N ILE A 292 4.82 -20.42 -12.39
CA ILE A 292 5.63 -21.01 -11.33
C ILE A 292 7.06 -21.16 -11.83
N THR A 293 8.00 -20.50 -11.14
CA THR A 293 9.39 -20.55 -11.53
C THR A 293 10.23 -20.57 -10.25
N LYS A 294 11.54 -20.37 -10.39
CA LYS A 294 12.45 -20.35 -9.27
C LYS A 294 13.70 -19.58 -9.68
N PRO A 295 14.50 -19.12 -8.72
CA PRO A 295 15.72 -18.39 -9.07
C PRO A 295 16.69 -19.29 -9.81
N THR A 296 17.69 -18.66 -10.44
CA THR A 296 18.69 -19.39 -11.20
C THR A 296 20.02 -18.66 -11.14
N GLU A 297 21.10 -19.44 -11.10
CA GLU A 297 22.45 -18.90 -11.23
C GLU A 297 22.91 -18.82 -12.67
N GLN A 298 22.19 -19.45 -13.59
CA GLN A 298 22.56 -19.48 -15.00
C GLN A 298 22.09 -18.21 -15.69
N GLY A 299 23.04 -17.39 -16.12
CA GLY A 299 22.73 -16.27 -16.99
C GLY A 299 22.69 -16.72 -18.44
N LEU A 300 23.35 -15.97 -19.32
CA LEU A 300 23.44 -16.36 -20.72
C LEU A 300 24.14 -17.71 -20.86
N LYS A 301 23.53 -18.62 -21.60
CA LYS A 301 24.12 -19.93 -21.86
C LYS A 301 23.82 -20.34 -23.30
N VAL A 302 24.68 -21.19 -23.85
CA VAL A 302 24.50 -21.74 -25.18
C VAL A 302 23.70 -23.03 -25.06
N ASP A 303 22.52 -23.05 -25.68
CA ASP A 303 21.66 -24.23 -25.64
C ASP A 303 22.27 -25.35 -26.46
N MET B 3 -38.11 16.18 28.59
CA MET B 3 -37.50 15.36 27.56
C MET B 3 -36.56 16.19 26.68
N VAL B 4 -35.26 15.89 26.76
CA VAL B 4 -34.25 16.56 25.97
C VAL B 4 -33.48 15.53 25.17
N SER B 5 -32.81 16.00 24.13
CA SER B 5 -31.99 15.14 23.27
C SER B 5 -30.71 15.87 22.91
N CYS B 6 -29.59 15.17 23.03
CA CYS B 6 -28.29 15.70 22.66
C CYS B 6 -27.57 14.71 21.75
N SER B 7 -26.77 15.25 20.84
CA SER B 7 -26.02 14.44 19.89
C SER B 7 -24.57 14.90 19.83
N ALA B 8 -23.68 13.94 19.64
CA ALA B 8 -22.25 14.18 19.49
C ALA B 8 -21.71 13.38 18.30
N PRO B 9 -20.81 13.95 17.52
CA PRO B 9 -20.39 13.30 16.26
C PRO B 9 -19.24 12.34 16.42
N GLY B 10 -19.15 11.42 15.47
CA GLY B 10 -17.98 10.60 15.29
C GLY B 10 -16.89 11.35 14.55
N LYS B 11 -15.89 10.61 14.09
CA LYS B 11 -14.75 11.24 13.42
C LYS B 11 -14.02 10.21 12.57
N ILE B 12 -13.16 10.74 11.70
CA ILE B 12 -12.24 9.94 10.90
C ILE B 12 -10.85 10.56 10.98
N TYR B 13 -9.84 9.76 10.68
CA TYR B 13 -8.46 10.21 10.68
C TYR B 13 -8.07 10.57 9.25
N LEU B 14 -7.80 11.86 9.02
CA LEU B 14 -7.24 12.27 7.73
C LEU B 14 -5.83 11.72 7.57
N PHE B 15 -4.96 11.94 8.57
CA PHE B 15 -3.63 11.36 8.59
C PHE B 15 -3.22 11.08 10.03
N GLY B 16 -2.23 10.20 10.19
CA GLY B 16 -1.46 10.13 11.40
C GLY B 16 -1.75 8.99 12.36
N GLU B 17 -2.75 8.15 12.10
CA GLU B 17 -3.03 7.05 13.01
C GLU B 17 -1.83 6.10 13.08
N HIS B 18 -1.74 5.40 14.20
CA HIS B 18 -0.68 4.45 14.53
C HIS B 18 0.63 5.14 14.89
N ALA B 19 0.88 6.31 14.31
CA ALA B 19 2.10 7.06 14.61
C ALA B 19 1.95 7.99 15.80
N VAL B 20 0.74 8.19 16.31
CA VAL B 20 0.56 9.07 17.46
C VAL B 20 1.17 8.47 18.72
N VAL B 21 1.19 7.14 18.83
CA VAL B 21 1.75 6.51 20.02
C VAL B 21 3.23 6.84 20.15
N TYR B 22 3.92 7.04 19.02
CA TYR B 22 5.35 7.34 19.02
C TYR B 22 5.63 8.82 18.84
N GLY B 23 4.76 9.68 19.39
CA GLY B 23 5.01 11.11 19.40
C GLY B 23 4.98 11.78 18.05
N GLU B 24 4.04 11.41 17.18
CA GLU B 24 3.90 12.04 15.88
C GLU B 24 2.56 12.76 15.81
N THR B 25 2.42 13.60 14.78
CA THR B 25 1.23 14.39 14.59
C THR B 25 0.17 13.61 13.82
N ALA B 26 -1.09 13.95 14.09
CA ALA B 26 -2.22 13.38 13.36
C ALA B 26 -3.32 14.42 13.23
N ILE B 27 -4.19 14.22 12.25
CA ILE B 27 -5.27 15.14 11.94
C ILE B 27 -6.57 14.34 11.92
N ALA B 28 -7.42 14.56 12.91
CA ALA B 28 -8.74 13.96 12.93
C ALA B 28 -9.76 14.96 12.39
N CYS B 29 -10.85 14.43 11.85
CA CYS B 29 -11.91 15.25 11.27
C CYS B 29 -13.26 14.69 11.70
N ALA B 30 -14.02 15.47 12.47
CA ALA B 30 -15.34 15.04 12.87
C ALA B 30 -16.27 14.98 11.67
N VAL B 31 -17.10 13.95 11.62
CA VAL B 31 -18.05 13.76 10.53
C VAL B 31 -19.47 13.88 11.09
N GLU B 32 -20.44 14.02 10.19
CA GLU B 32 -21.82 14.22 10.60
C GLU B 32 -22.53 12.93 10.98
N LEU B 33 -21.80 11.91 11.37
CA LEU B 33 -22.37 10.73 11.99
C LEU B 33 -22.40 10.97 13.50
N ARG B 34 -23.60 11.01 14.07
CA ARG B 34 -23.77 11.42 15.46
C ARG B 34 -24.47 10.33 16.25
N THR B 35 -24.28 10.40 17.57
CA THR B 35 -24.99 9.55 18.53
C THR B 35 -25.93 10.45 19.32
N ARG B 36 -27.23 10.23 19.17
CA ARG B 36 -28.24 11.03 19.85
C ARG B 36 -28.95 10.17 20.88
N VAL B 37 -28.98 10.67 22.12
CA VAL B 37 -29.66 10.02 23.24
C VAL B 37 -30.82 10.91 23.69
N ARG B 38 -32.00 10.30 23.86
CA ARG B 38 -33.13 11.01 24.45
C ARG B 38 -33.09 10.81 25.97
N ALA B 39 -33.16 11.90 26.71
CA ALA B 39 -33.20 11.87 28.17
C ALA B 39 -34.48 12.55 28.63
N GLU B 40 -35.28 11.85 29.42
CA GLU B 40 -36.52 12.40 29.96
C GLU B 40 -36.61 12.00 31.42
N LEU B 41 -37.80 12.10 32.00
CA LEU B 41 -38.05 11.72 33.38
C LEU B 41 -38.79 10.39 33.43
N ASN B 42 -38.43 9.56 34.41
CA ASN B 42 -39.00 8.23 34.54
C ASN B 42 -39.03 7.85 36.01
N ASP B 43 -39.61 6.68 36.30
CA ASP B 43 -39.71 6.20 37.68
C ASP B 43 -38.41 5.53 38.12
N SER B 44 -37.78 4.78 37.22
CA SER B 44 -36.51 4.12 37.47
C SER B 44 -35.54 4.50 36.35
N ILE B 45 -34.24 4.41 36.63
CA ILE B 45 -33.24 4.73 35.63
C ILE B 45 -33.23 3.63 34.57
N THR B 46 -33.85 3.92 33.43
CA THR B 46 -33.99 2.97 32.33
C THR B 46 -33.12 3.44 31.17
N ILE B 47 -32.31 2.54 30.64
CA ILE B 47 -31.42 2.84 29.52
C ILE B 47 -31.79 1.90 28.39
N GLN B 48 -32.37 2.44 27.32
CA GLN B 48 -32.75 1.66 26.16
C GLN B 48 -31.83 1.97 24.99
N SER B 49 -31.60 0.96 24.18
CA SER B 49 -30.78 1.09 22.98
C SER B 49 -31.21 0.02 22.00
N GLN B 50 -30.54 -0.01 20.84
CA GLN B 50 -30.69 -1.14 19.95
C GLN B 50 -30.24 -2.43 20.63
N ILE B 51 -29.30 -2.32 21.56
CA ILE B 51 -28.85 -3.49 22.31
C ILE B 51 -29.98 -4.00 23.20
N GLY B 52 -30.73 -3.09 23.80
CA GLY B 52 -31.88 -3.48 24.60
C GLY B 52 -32.16 -2.46 25.68
N ARG B 53 -33.25 -2.71 26.41
CA ARG B 53 -33.67 -1.87 27.53
C ARG B 53 -33.23 -2.54 28.83
N THR B 54 -32.31 -1.88 29.55
CA THR B 54 -31.87 -2.38 30.85
C THR B 54 -32.00 -1.27 31.88
N GLY B 55 -31.49 -1.53 33.07
CA GLY B 55 -31.32 -0.52 34.09
C GLY B 55 -29.91 0.04 34.07
N LEU B 56 -29.41 0.40 35.26
CA LEU B 56 -28.02 0.82 35.38
C LEU B 56 -27.10 -0.38 35.22
N ASP B 57 -26.72 -0.69 33.97
CA ASP B 57 -25.94 -1.88 33.66
C ASP B 57 -24.56 -1.43 33.17
N PHE B 58 -23.53 -1.71 33.96
CA PHE B 58 -22.16 -1.40 33.59
C PHE B 58 -21.57 -2.40 32.61
N GLU B 59 -22.36 -3.37 32.14
CA GLU B 59 -21.90 -4.35 31.17
C GLU B 59 -22.49 -4.10 29.78
N LYS B 60 -23.82 -4.09 29.66
CA LYS B 60 -24.47 -3.82 28.39
C LYS B 60 -24.49 -2.35 28.05
N HIS B 61 -24.36 -1.46 29.04
CA HIS B 61 -24.29 -0.02 28.83
C HIS B 61 -23.10 0.54 29.62
N PRO B 62 -21.87 0.17 29.26
CA PRO B 62 -20.72 0.61 30.07
C PRO B 62 -20.55 2.12 30.10
N TYR B 63 -20.59 2.78 28.95
CA TYR B 63 -20.33 4.22 28.92
C TYR B 63 -21.50 5.01 29.46
N VAL B 64 -22.74 4.62 29.11
CA VAL B 64 -23.91 5.37 29.56
C VAL B 64 -24.10 5.20 31.06
N SER B 65 -23.98 3.96 31.56
CA SER B 65 -24.20 3.73 33.00
C SER B 65 -23.09 4.37 33.83
N ALA B 66 -21.84 4.31 33.35
CA ALA B 66 -20.76 4.97 34.07
C ALA B 66 -20.93 6.49 34.05
N VAL B 67 -21.48 7.03 32.96
CA VAL B 67 -21.82 8.46 32.93
C VAL B 67 -22.84 8.79 34.00
N ILE B 68 -23.82 7.90 34.21
CA ILE B 68 -24.83 8.11 35.24
C ILE B 68 -24.18 8.15 36.61
N GLU B 69 -23.25 7.24 36.88
CA GLU B 69 -22.68 7.10 38.21
C GLU B 69 -21.80 8.29 38.58
N LYS B 70 -20.90 8.69 37.67
CA LYS B 70 -19.99 9.80 37.98
C LYS B 70 -20.75 11.12 38.16
N MET B 71 -21.85 11.30 37.41
CA MET B 71 -22.55 12.59 37.42
C MET B 71 -23.50 12.71 38.62
N ARG B 72 -24.15 11.61 39.00
CA ARG B 72 -25.12 11.68 40.10
C ARG B 72 -24.47 11.99 41.45
N LYS B 73 -23.15 11.88 41.55
CA LYS B 73 -22.47 12.21 42.81
C LYS B 73 -22.51 13.70 43.11
N SER B 74 -22.80 14.53 42.10
CA SER B 74 -22.97 15.97 42.30
C SER B 74 -24.44 16.38 42.32
N ILE B 75 -25.21 15.98 41.32
CA ILE B 75 -26.65 16.17 41.31
C ILE B 75 -27.32 14.81 41.20
N PRO B 76 -27.90 14.29 42.27
CA PRO B 76 -28.39 12.91 42.26
C PRO B 76 -29.53 12.72 41.27
N ILE B 77 -29.41 11.68 40.46
CA ILE B 77 -30.46 11.28 39.53
C ILE B 77 -30.91 9.88 39.91
N ASN B 78 -32.21 9.62 39.71
CA ASN B 78 -32.80 8.34 40.10
C ASN B 78 -33.84 7.83 39.11
N GLY B 79 -34.30 8.64 38.16
CA GLY B 79 -35.25 8.16 37.17
C GLY B 79 -35.08 8.85 35.83
N VAL B 80 -34.26 8.26 34.96
CA VAL B 80 -34.01 8.78 33.63
C VAL B 80 -34.27 7.69 32.61
N PHE B 81 -34.79 8.10 31.45
CA PHE B 81 -35.09 7.19 30.35
C PHE B 81 -34.16 7.53 29.19
N LEU B 82 -32.94 6.97 29.25
CA LEU B 82 -31.94 7.18 28.20
C LEU B 82 -32.23 6.28 27.01
N THR B 83 -32.32 6.87 25.82
CA THR B 83 -32.54 6.14 24.58
C THR B 83 -31.46 6.56 23.59
N VAL B 84 -30.34 5.83 23.58
CA VAL B 84 -29.27 6.15 22.64
C VAL B 84 -29.68 5.70 21.24
N ASP B 85 -29.34 6.51 20.24
CA ASP B 85 -29.46 6.14 18.85
C ASP B 85 -28.27 6.70 18.12
N SER B 86 -27.68 5.91 17.22
CA SER B 86 -26.44 6.32 16.58
C SER B 86 -26.36 5.77 15.18
N ASP B 87 -25.80 6.57 14.27
CA ASP B 87 -25.44 6.12 12.93
C ASP B 87 -23.94 5.93 12.77
N ILE B 88 -23.22 5.83 13.88
CA ILE B 88 -21.76 5.71 13.87
C ILE B 88 -21.42 4.22 13.88
N PRO B 89 -20.75 3.70 12.84
CA PRO B 89 -20.35 2.29 12.87
C PRO B 89 -19.38 2.00 14.00
N VAL B 90 -19.46 0.77 14.51
CA VAL B 90 -18.63 0.34 15.63
C VAL B 90 -17.22 0.05 15.14
N GLY B 91 -16.23 0.49 15.90
CA GLY B 91 -14.85 0.17 15.62
C GLY B 91 -14.17 1.17 14.71
N SER B 92 -12.96 0.80 14.31
CA SER B 92 -12.13 1.59 13.39
C SER B 92 -11.91 3.01 13.89
N GLY B 93 -11.89 3.19 15.21
CA GLY B 93 -11.67 4.50 15.79
C GLY B 93 -12.62 5.57 15.31
N LEU B 94 -13.84 5.18 14.90
CA LEU B 94 -14.82 6.13 14.41
C LEU B 94 -15.45 6.96 15.53
N GLY B 95 -15.02 6.76 16.77
CA GLY B 95 -15.53 7.56 17.87
C GLY B 95 -16.89 7.16 18.38
N SER B 96 -17.28 5.89 18.19
CA SER B 96 -18.59 5.44 18.66
C SER B 96 -18.69 5.52 20.17
N SER B 97 -17.65 5.07 20.88
CA SER B 97 -17.67 5.12 22.34
C SER B 97 -17.54 6.55 22.85
N ALA B 98 -16.71 7.35 22.19
CA ALA B 98 -16.55 8.74 22.59
C ALA B 98 -17.84 9.53 22.38
N ALA B 99 -18.54 9.27 21.27
CA ALA B 99 -19.75 10.03 20.99
C ALA B 99 -20.86 9.68 21.97
N VAL B 100 -21.07 8.39 22.23
CA VAL B 100 -22.12 7.98 23.15
C VAL B 100 -21.85 8.50 24.55
N THR B 101 -20.60 8.83 24.85
CA THR B 101 -20.26 9.38 26.17
C THR B 101 -20.72 10.82 26.31
N ILE B 102 -20.25 11.69 25.42
CA ILE B 102 -20.54 13.12 25.55
C ILE B 102 -22.01 13.40 25.28
N ALA B 103 -22.64 12.62 24.40
CA ALA B 103 -24.07 12.79 24.17
C ALA B 103 -24.89 12.48 25.42
N SER B 104 -24.42 11.55 26.24
CA SER B 104 -25.10 11.26 27.49
C SER B 104 -24.85 12.35 28.53
N ILE B 105 -23.60 12.82 28.64
CA ILE B 105 -23.27 13.88 29.58
C ILE B 105 -24.06 15.14 29.27
N GLY B 106 -24.14 15.51 27.98
CA GLY B 106 -24.87 16.71 27.60
C GLY B 106 -26.36 16.58 27.76
N ALA B 107 -26.89 15.36 27.64
CA ALA B 107 -28.33 15.16 27.81
C ALA B 107 -28.74 15.32 29.27
N LEU B 108 -27.92 14.81 30.19
CA LEU B 108 -28.21 14.99 31.62
C LEU B 108 -27.91 16.40 32.10
N ASN B 109 -26.90 17.04 31.52
CA ASN B 109 -26.62 18.44 31.83
C ASN B 109 -27.79 19.35 31.47
N GLU B 110 -28.68 18.90 30.58
CA GLU B 110 -29.80 19.72 30.14
C GLU B 110 -30.94 19.68 31.16
N LEU B 111 -31.47 18.49 31.43
CA LEU B 111 -32.65 18.37 32.29
C LEU B 111 -32.29 18.62 33.75
N PHE B 112 -31.32 17.87 34.28
CA PHE B 112 -30.96 17.96 35.69
C PHE B 112 -30.13 19.20 36.02
N GLY B 113 -29.79 20.01 35.03
CA GLY B 113 -29.09 21.27 35.26
C GLY B 113 -27.76 21.11 35.97
N PHE B 114 -26.77 20.56 35.27
CA PHE B 114 -25.44 20.43 35.84
C PHE B 114 -24.56 21.64 35.56
N GLY B 115 -24.85 22.41 34.52
CA GLY B 115 -24.10 23.62 34.22
C GLY B 115 -22.65 23.37 33.85
N LEU B 116 -22.40 22.36 33.03
CA LEU B 116 -21.04 22.06 32.58
C LEU B 116 -20.69 22.92 31.38
N SER B 117 -19.44 23.35 31.32
CA SER B 117 -18.93 24.01 30.12
C SER B 117 -18.81 23.00 28.98
N LEU B 118 -18.43 23.50 27.80
CA LEU B 118 -17.95 22.59 26.77
C LEU B 118 -16.59 22.02 27.17
N GLN B 119 -15.75 22.86 27.79
CA GLN B 119 -14.57 22.41 28.53
C GLN B 119 -14.88 21.13 29.32
N GLU B 120 -15.78 21.22 30.30
CA GLU B 120 -15.94 20.12 31.25
C GLU B 120 -16.49 18.86 30.60
N ILE B 121 -17.31 19.01 29.55
CA ILE B 121 -17.87 17.84 28.87
C ILE B 121 -16.78 17.04 28.18
N ALA B 122 -15.61 17.65 27.94
CA ALA B 122 -14.49 16.93 27.35
C ALA B 122 -13.59 16.28 28.40
N LYS B 123 -13.32 16.98 29.50
CA LYS B 123 -12.50 16.39 30.56
C LYS B 123 -13.21 15.21 31.19
N LEU B 124 -14.50 15.38 31.54
CA LEU B 124 -15.27 14.27 32.10
C LEU B 124 -15.49 13.18 31.07
N GLY B 125 -15.77 13.57 29.82
CA GLY B 125 -15.95 12.59 28.76
C GLY B 125 -14.71 11.76 28.49
N HIS B 126 -13.53 12.26 28.84
CA HIS B 126 -12.31 11.47 28.71
C HIS B 126 -12.01 10.69 29.99
N GLU B 127 -12.20 11.31 31.15
CA GLU B 127 -12.00 10.60 32.42
C GLU B 127 -12.94 9.41 32.55
N ILE B 128 -14.10 9.45 31.88
CA ILE B 128 -15.02 8.32 31.94
C ILE B 128 -14.55 7.19 31.04
N GLU B 129 -13.87 7.49 29.93
CA GLU B 129 -13.25 6.45 29.13
C GLU B 129 -12.07 5.83 29.84
N ILE B 130 -11.44 6.57 30.76
CA ILE B 130 -10.37 5.99 31.58
C ILE B 130 -10.93 4.91 32.50
N LYS B 131 -12.16 5.09 32.98
CA LYS B 131 -12.78 4.14 33.89
C LYS B 131 -13.44 2.97 33.18
N VAL B 132 -13.91 3.16 31.94
CA VAL B 132 -14.63 2.10 31.24
C VAL B 132 -13.66 1.10 30.63
N GLN B 133 -12.80 1.56 29.71
CA GLN B 133 -11.83 0.70 29.05
C GLN B 133 -10.45 0.77 29.71
N GLY B 134 -10.41 1.00 31.02
CA GLY B 134 -9.15 1.05 31.76
C GLY B 134 -8.22 2.21 31.48
N ALA B 135 -7.98 2.52 30.22
CA ALA B 135 -7.15 3.66 29.83
C ALA B 135 -7.61 4.14 28.46
N ALA B 136 -7.58 5.45 28.28
CA ALA B 136 -8.00 6.02 27.01
C ALA B 136 -7.36 7.40 26.84
N SER B 137 -7.26 7.83 25.59
CA SER B 137 -6.71 9.10 25.13
C SER B 137 -7.82 10.14 25.02
N PRO B 138 -7.52 11.40 25.35
CA PRO B 138 -8.54 12.45 25.25
C PRO B 138 -8.83 12.92 23.83
N THR B 139 -8.11 12.41 22.83
CA THR B 139 -8.34 12.85 21.46
C THR B 139 -9.71 12.44 20.96
N ASP B 140 -10.05 11.15 21.08
CA ASP B 140 -11.37 10.68 20.67
C ASP B 140 -12.47 11.47 21.37
N THR B 141 -12.26 11.81 22.64
CA THR B 141 -13.29 12.50 23.42
C THR B 141 -13.45 13.94 22.96
N TYR B 142 -12.34 14.68 22.85
CA TYR B 142 -12.43 16.11 22.53
C TYR B 142 -13.04 16.32 21.15
N VAL B 143 -12.56 15.57 20.15
CA VAL B 143 -13.06 15.73 18.79
C VAL B 143 -14.57 15.56 18.75
N SER B 144 -15.12 14.75 19.64
CA SER B 144 -16.56 14.59 19.72
C SER B 144 -17.26 15.76 20.43
N THR B 145 -16.52 16.58 21.18
CA THR B 145 -17.11 17.71 21.88
C THR B 145 -17.11 18.98 21.03
N PHE B 146 -15.94 19.37 20.51
CA PHE B 146 -15.83 20.58 19.72
C PHE B 146 -16.23 20.34 18.26
N GLY B 147 -15.57 19.39 17.61
CA GLY B 147 -15.85 19.09 16.22
C GLY B 147 -14.83 19.71 15.29
N GLY B 148 -15.17 19.70 14.00
CA GLY B 148 -14.28 20.24 13.01
C GLY B 148 -13.04 19.38 12.81
N VAL B 149 -12.00 20.03 12.30
CA VAL B 149 -10.71 19.39 12.08
C VAL B 149 -9.80 19.74 13.24
N VAL B 150 -9.24 18.72 13.90
CA VAL B 150 -8.42 18.91 15.08
C VAL B 150 -7.10 18.16 14.89
N THR B 151 -6.00 18.86 15.11
CA THR B 151 -4.69 18.24 15.10
C THR B 151 -4.41 17.56 16.44
N ILE B 152 -3.52 16.56 16.41
CA ILE B 152 -3.13 15.82 17.60
C ILE B 152 -1.62 15.63 17.57
N PRO B 153 -0.89 15.88 18.66
CA PRO B 153 -1.40 16.31 19.96
C PRO B 153 -1.42 17.81 20.17
N GLU B 154 -0.93 18.59 19.19
CA GLU B 154 -0.91 20.05 19.34
C GLU B 154 -2.31 20.61 19.59
N ARG B 155 -3.34 19.93 19.09
CA ARG B 155 -4.73 20.25 19.42
C ARG B 155 -5.16 21.60 18.87
N ARG B 156 -4.71 21.92 17.66
CA ARG B 156 -5.15 23.12 16.95
C ARG B 156 -6.32 22.80 16.04
N LYS B 157 -7.30 23.69 16.00
CA LYS B 157 -8.47 23.52 15.16
CA LYS B 157 -8.47 23.52 15.16
C LYS B 157 -8.22 24.11 13.78
N LEU B 158 -8.65 23.40 12.75
CA LEU B 158 -8.51 23.83 11.37
C LEU B 158 -9.88 23.88 10.70
N LYS B 159 -9.97 24.64 9.61
CA LYS B 159 -11.24 24.78 8.92
C LYS B 159 -11.67 23.46 8.30
N THR B 160 -12.98 23.26 8.23
CA THR B 160 -13.54 22.01 7.73
C THR B 160 -13.47 21.98 6.21
N PRO B 161 -12.94 20.92 5.61
CA PRO B 161 -12.95 20.82 4.14
C PRO B 161 -14.35 20.60 3.63
N ASP B 162 -14.70 21.32 2.56
CA ASP B 162 -16.00 21.18 1.93
C ASP B 162 -15.96 19.99 0.97
N CYS B 163 -15.91 18.79 1.57
CA CYS B 163 -15.81 17.56 0.83
C CYS B 163 -16.87 16.57 1.31
N GLY B 164 -17.01 15.48 0.57
CA GLY B 164 -17.80 14.35 1.00
C GLY B 164 -16.90 13.29 1.63
N ILE B 165 -17.47 12.50 2.53
CA ILE B 165 -16.75 11.44 3.22
C ILE B 165 -17.49 10.14 2.99
N VAL B 166 -16.83 9.18 2.35
CA VAL B 166 -17.38 7.85 2.16
C VAL B 166 -16.62 6.89 3.07
N ILE B 167 -17.30 6.34 4.06
CA ILE B 167 -16.74 5.35 4.95
C ILE B 167 -17.15 3.97 4.44
N GLY B 168 -16.16 3.10 4.24
CA GLY B 168 -16.43 1.77 3.77
C GLY B 168 -16.05 0.72 4.79
N ASP B 169 -17.05 0.04 5.36
CA ASP B 169 -16.82 -1.02 6.33
C ASP B 169 -16.60 -2.33 5.60
N THR B 170 -15.48 -3.01 5.90
CA THR B 170 -15.20 -4.31 5.33
C THR B 170 -15.90 -5.44 6.06
N GLY B 171 -16.42 -5.19 7.27
CA GLY B 171 -17.02 -6.22 8.07
C GLY B 171 -16.06 -7.15 8.76
N VAL B 172 -14.76 -6.96 8.55
CA VAL B 172 -13.74 -7.81 9.16
C VAL B 172 -13.40 -7.28 10.55
N PHE B 173 -13.48 -8.14 11.55
CA PHE B 173 -13.12 -7.75 12.91
C PHE B 173 -11.61 -7.80 13.09
N SER B 174 -11.09 -6.87 13.89
CA SER B 174 -9.67 -6.85 14.20
C SER B 174 -9.50 -6.33 15.61
N SER B 175 -8.53 -6.90 16.34
CA SER B 175 -8.21 -6.47 17.69
C SER B 175 -7.19 -5.34 17.62
N THR B 176 -7.61 -4.13 17.99
CA THR B 176 -6.70 -2.99 17.98
C THR B 176 -5.52 -3.23 18.91
N LYS B 177 -5.75 -3.90 20.04
CA LYS B 177 -4.65 -4.23 20.93
C LYS B 177 -3.60 -5.08 20.22
N GLU B 178 -4.04 -6.05 19.41
CA GLU B 178 -3.09 -6.88 18.69
C GLU B 178 -2.43 -6.12 17.55
N LEU B 179 -3.19 -5.26 16.87
CA LEU B 179 -2.62 -4.49 15.76
C LEU B 179 -1.56 -3.51 16.25
N VAL B 180 -1.80 -2.85 17.38
CA VAL B 180 -0.81 -1.93 17.93
C VAL B 180 0.44 -2.69 18.36
N ALA B 181 0.25 -3.88 18.95
CA ALA B 181 1.39 -4.68 19.39
C ALA B 181 2.18 -5.23 18.22
N ASN B 182 1.48 -5.61 17.14
CA ASN B 182 2.17 -6.10 15.95
C ASN B 182 3.07 -5.02 15.35
N VAL B 183 2.53 -3.81 15.20
CA VAL B 183 3.33 -2.67 14.75
C VAL B 183 4.47 -2.41 15.73
N ARG B 184 4.23 -2.66 17.03
CA ARG B 184 5.28 -2.47 18.02
CA ARG B 184 5.28 -2.47 18.02
C ARG B 184 6.41 -3.47 17.84
N GLN B 185 6.07 -4.73 17.56
CA GLN B 185 7.09 -5.75 17.34
C GLN B 185 7.91 -5.43 16.10
N LEU B 186 7.24 -5.06 15.01
CA LEU B 186 7.94 -4.70 13.77
C LEU B 186 8.87 -3.52 14.01
N ARG B 187 8.43 -2.54 14.82
CA ARG B 187 9.27 -1.39 15.09
C ARG B 187 10.52 -1.78 15.84
N GLU B 188 10.42 -2.76 16.75
CA GLU B 188 11.58 -3.20 17.50
C GLU B 188 12.40 -4.26 16.78
N SER B 189 11.85 -4.89 15.74
CA SER B 189 12.63 -5.82 14.94
C SER B 189 13.58 -5.07 14.01
N TYR B 190 13.13 -3.97 13.42
CA TYR B 190 13.93 -3.16 12.50
C TYR B 190 13.76 -1.69 12.85
N PRO B 191 14.27 -1.27 14.01
CA PRO B 191 14.02 0.12 14.44
C PRO B 191 14.58 1.18 13.53
N ASP B 192 15.79 0.97 12.99
CA ASP B 192 16.36 1.96 12.08
C ASP B 192 15.58 2.09 10.78
N LEU B 193 14.68 1.16 10.49
CA LEU B 193 13.85 1.19 9.30
C LEU B 193 12.42 1.65 9.58
N ILE B 194 11.80 1.15 10.65
CA ILE B 194 10.39 1.43 10.92
C ILE B 194 10.21 2.80 11.56
N GLU B 195 11.11 3.17 12.47
CA GLU B 195 11.00 4.48 13.09
C GLU B 195 11.04 5.62 12.08
N PRO B 196 11.90 5.61 11.05
CA PRO B 196 11.76 6.63 10.00
C PRO B 196 10.40 6.62 9.31
N LEU B 197 9.79 5.44 9.13
CA LEU B 197 8.44 5.39 8.59
C LEU B 197 7.44 6.09 9.51
N MET B 198 7.63 5.95 10.83
CA MET B 198 6.79 6.68 11.78
C MET B 198 6.99 8.18 11.64
N THR B 199 8.23 8.62 11.40
CA THR B 199 8.50 10.03 11.17
C THR B 199 7.85 10.52 9.89
N SER B 200 7.86 9.69 8.84
CA SER B 200 7.25 10.07 7.57
C SER B 200 5.75 10.28 7.74
N ILE B 201 5.08 9.42 8.51
CA ILE B 201 3.66 9.61 8.77
C ILE B 201 3.42 10.94 9.45
N GLY B 202 4.23 11.26 10.47
CA GLY B 202 4.09 12.54 11.12
C GLY B 202 4.35 13.70 10.18
N LYS B 203 5.29 13.54 9.25
CA LYS B 203 5.54 14.59 8.27
C LYS B 203 4.35 14.78 7.33
N ILE B 204 3.65 13.70 7.00
CA ILE B 204 2.43 13.82 6.21
C ILE B 204 1.40 14.67 6.94
N SER B 205 1.27 14.47 8.26
CA SER B 205 0.33 15.25 9.04
C SER B 205 0.70 16.73 9.04
N ARG B 206 2.00 17.04 9.15
CA ARG B 206 2.42 18.43 9.16
C ARG B 206 2.16 19.11 7.82
N ILE B 207 2.47 18.42 6.72
CA ILE B 207 2.15 18.97 5.40
C ILE B 207 0.64 19.07 5.23
N GLY B 208 -0.10 18.05 5.66
CA GLY B 208 -1.55 18.06 5.50
C GLY B 208 -2.22 19.18 6.25
N GLU B 209 -1.63 19.63 7.35
CA GLU B 209 -2.20 20.76 8.09
C GLU B 209 -2.25 22.01 7.22
N GLN B 210 -1.17 22.29 6.48
CA GLN B 210 -1.17 23.43 5.58
C GLN B 210 -2.13 23.23 4.41
N LEU B 211 -2.34 21.98 3.99
CA LEU B 211 -3.28 21.71 2.90
C LEU B 211 -4.73 21.80 3.36
N VAL B 212 -5.01 21.42 4.60
CA VAL B 212 -6.35 21.63 5.15
C VAL B 212 -6.65 23.12 5.24
N LEU B 213 -5.66 23.92 5.67
CA LEU B 213 -5.88 25.35 5.79
C LEU B 213 -6.10 26.00 4.42
N SER B 214 -5.40 25.53 3.39
CA SER B 214 -5.49 26.10 2.05
C SER B 214 -6.64 25.54 1.23
N GLY B 215 -7.29 24.47 1.69
CA GLY B 215 -8.37 23.89 0.93
C GLY B 215 -7.92 23.17 -0.32
N ASP B 216 -6.69 22.66 -0.33
CA ASP B 216 -6.20 21.89 -1.47
C ASP B 216 -6.65 20.43 -1.28
N TYR B 217 -7.93 20.20 -1.56
CA TYR B 217 -8.51 18.88 -1.34
C TYR B 217 -7.82 17.81 -2.18
N ALA B 218 -7.37 18.17 -3.39
CA ALA B 218 -6.69 17.20 -4.23
C ALA B 218 -5.37 16.77 -3.62
N SER B 219 -4.60 17.71 -3.06
CA SER B 219 -3.33 17.36 -2.44
C SER B 219 -3.54 16.58 -1.16
N ILE B 220 -4.58 16.94 -0.40
CA ILE B 220 -4.95 16.16 0.79
C ILE B 220 -5.18 14.70 0.42
N GLY B 221 -5.96 14.48 -0.65
CA GLY B 221 -6.25 13.12 -1.06
C GLY B 221 -5.01 12.34 -1.45
N ARG B 222 -4.09 12.97 -2.19
CA ARG B 222 -2.89 12.25 -2.59
C ARG B 222 -1.95 12.02 -1.41
N LEU B 223 -1.97 12.92 -0.42
CA LEU B 223 -1.25 12.64 0.82
C LEU B 223 -1.92 11.51 1.60
N MET B 224 -3.23 11.37 1.47
CA MET B 224 -3.89 10.22 2.06
C MET B 224 -3.44 8.92 1.42
N ASN B 225 -3.29 8.93 0.08
CA ASN B 225 -2.82 7.74 -0.61
C ASN B 225 -1.41 7.36 -0.18
N VAL B 226 -0.54 8.35 0.03
CA VAL B 226 0.79 8.08 0.57
C VAL B 226 0.68 7.48 1.96
N ASN B 227 -0.12 8.10 2.82
CA ASN B 227 -0.30 7.58 4.17
C ASN B 227 -0.77 6.13 4.15
N GLN B 228 -1.66 5.78 3.21
CA GLN B 228 -2.18 4.42 3.15
C GLN B 228 -1.07 3.42 2.84
N GLY B 229 -0.15 3.78 1.95
CA GLY B 229 0.95 2.89 1.64
C GLY B 229 1.87 2.66 2.83
N LEU B 230 2.10 3.71 3.63
CA LEU B 230 2.91 3.55 4.83
C LEU B 230 2.24 2.60 5.82
N LEU B 231 0.94 2.76 6.03
CA LEU B 231 0.22 1.85 6.92
C LEU B 231 0.24 0.43 6.37
N ASP B 232 0.11 0.28 5.06
CA ASP B 232 0.25 -1.03 4.44
C ASP B 232 1.63 -1.61 4.69
N ALA B 233 2.66 -0.74 4.69
CA ALA B 233 4.01 -1.20 4.98
C ALA B 233 4.16 -1.65 6.42
N LEU B 234 3.40 -1.05 7.34
CA LEU B 234 3.42 -1.47 8.73
C LEU B 234 2.58 -2.73 8.98
N GLY B 235 1.87 -3.20 7.96
CA GLY B 235 1.15 -4.47 8.06
C GLY B 235 -0.27 -4.40 8.55
N VAL B 236 -0.88 -3.21 8.61
CA VAL B 236 -2.23 -3.05 9.13
C VAL B 236 -3.28 -3.06 8.02
N ASN B 237 -2.90 -3.41 6.79
CA ASN B 237 -3.82 -3.46 5.67
C ASN B 237 -4.15 -4.90 5.32
N ILE B 238 -5.32 -5.11 4.72
CA ILE B 238 -5.77 -6.42 4.29
C ILE B 238 -6.39 -6.30 2.91
N LEU B 239 -6.76 -7.45 2.33
CA LEU B 239 -7.31 -7.47 0.97
C LEU B 239 -8.58 -6.65 0.87
N GLU B 240 -9.50 -6.82 1.81
CA GLU B 240 -10.79 -6.16 1.72
C GLU B 240 -10.65 -4.64 1.80
N LEU B 241 -9.80 -4.15 2.71
CA LEU B 241 -9.55 -2.72 2.78
C LEU B 241 -8.96 -2.21 1.48
N SER B 242 -8.01 -2.94 0.90
CA SER B 242 -7.36 -2.49 -0.32
C SER B 242 -8.33 -2.44 -1.49
N GLN B 243 -9.27 -3.39 -1.55
CA GLN B 243 -10.25 -3.40 -2.64
C GLN B 243 -11.19 -2.20 -2.54
N LEU B 244 -11.64 -1.88 -1.32
CA LEU B 244 -12.52 -0.72 -1.16
C LEU B 244 -11.77 0.57 -1.44
N ILE B 245 -10.51 0.65 -1.01
CA ILE B 245 -9.71 1.86 -1.21
C ILE B 245 -9.51 2.14 -2.68
N TYR B 246 -9.11 1.12 -3.44
CA TYR B 246 -8.79 1.35 -4.85
C TYR B 246 -10.05 1.55 -5.69
N SER B 247 -11.18 0.96 -5.29
CA SER B 247 -12.43 1.21 -5.98
C SER B 247 -12.87 2.65 -5.81
N ALA B 248 -12.68 3.21 -4.62
CA ALA B 248 -12.99 4.61 -4.39
C ALA B 248 -12.10 5.52 -5.22
N ARG B 249 -10.81 5.23 -5.28
CA ARG B 249 -9.87 6.03 -6.06
C ARG B 249 -10.25 6.00 -7.55
N ALA B 250 -10.52 4.81 -8.09
CA ALA B 250 -10.93 4.70 -9.48
C ALA B 250 -12.26 5.38 -9.74
N ALA B 251 -13.09 5.58 -8.72
CA ALA B 251 -14.35 6.26 -8.89
C ALA B 251 -14.23 7.78 -8.81
N GLY B 252 -13.03 8.29 -8.55
CA GLY B 252 -12.79 9.72 -8.59
C GLY B 252 -12.55 10.39 -7.25
N ALA B 253 -12.39 9.62 -6.17
CA ALA B 253 -12.12 10.23 -4.88
C ALA B 253 -10.77 10.94 -4.90
N PHE B 254 -10.68 12.01 -4.12
CA PHE B 254 -9.39 12.69 -3.95
C PHE B 254 -8.35 11.74 -3.37
N GLY B 255 -8.74 10.97 -2.36
CA GLY B 255 -7.85 9.98 -1.77
C GLY B 255 -8.66 9.00 -0.95
N ALA B 256 -8.02 7.88 -0.63
CA ALA B 256 -8.66 6.85 0.18
C ALA B 256 -7.59 6.14 1.00
N LYS B 257 -7.95 5.78 2.23
CA LYS B 257 -6.99 5.18 3.15
C LYS B 257 -7.74 4.52 4.29
N ILE B 258 -7.03 3.64 5.01
CA ILE B 258 -7.52 3.13 6.28
C ILE B 258 -7.78 4.29 7.23
N THR B 259 -8.81 4.16 8.06
CA THR B 259 -9.03 5.05 9.18
C THR B 259 -9.18 4.22 10.44
N GLY B 260 -8.36 4.51 11.44
CA GLY B 260 -8.33 3.71 12.65
C GLY B 260 -7.15 2.76 12.69
N ALA B 261 -7.33 1.60 13.32
CA ALA B 261 -6.21 0.70 13.55
C ALA B 261 -5.89 -0.16 12.33
N GLY B 262 -6.87 -0.43 11.47
CA GLY B 262 -6.63 -1.28 10.32
C GLY B 262 -6.94 -2.74 10.59
N GLY B 263 -6.21 -3.64 9.93
CA GLY B 263 -6.45 -5.07 10.09
C GLY B 263 -7.85 -5.50 9.73
N GLY B 264 -8.57 -4.67 8.97
CA GLY B 264 -9.99 -4.84 8.77
C GLY B 264 -10.70 -3.53 9.06
N GLY B 265 -11.95 -3.60 9.51
CA GLY B 265 -12.66 -2.39 9.87
C GLY B 265 -12.97 -1.54 8.65
N CYS B 266 -12.79 -0.23 8.81
CA CYS B 266 -13.31 0.74 7.85
C CYS B 266 -12.19 1.45 7.11
N MET B 267 -12.45 1.73 5.84
CA MET B 267 -11.67 2.68 5.06
C MET B 267 -12.41 4.01 5.01
N VAL B 268 -11.73 5.02 4.47
CA VAL B 268 -12.31 6.36 4.36
C VAL B 268 -11.86 6.96 3.02
N ALA B 269 -12.78 7.64 2.35
CA ALA B 269 -12.53 8.24 1.04
C ALA B 269 -12.95 9.69 1.06
N LEU B 270 -12.05 10.57 0.64
CA LEU B 270 -12.34 12.00 0.53
C LEU B 270 -12.76 12.30 -0.90
N THR B 271 -13.97 12.82 -1.07
CA THR B 271 -14.54 13.06 -2.41
C THR B 271 -14.91 14.53 -2.55
N ALA B 272 -14.93 14.99 -3.80
CA ALA B 272 -15.63 16.23 -4.08
C ALA B 272 -17.12 16.03 -3.82
N PRO B 273 -17.82 17.08 -3.36
CA PRO B 273 -19.23 16.90 -2.97
C PRO B 273 -20.09 16.32 -4.08
N GLU B 274 -19.78 16.58 -5.34
CA GLU B 274 -20.57 16.05 -6.44
C GLU B 274 -20.30 14.56 -6.66
N LYS B 275 -19.04 14.13 -6.53
CA LYS B 275 -18.66 12.75 -6.76
C LYS B 275 -18.89 11.85 -5.55
N CYS B 276 -19.59 12.34 -4.53
CA CYS B 276 -19.73 11.57 -3.29
C CYS B 276 -20.55 10.30 -3.50
N ASN B 277 -21.62 10.36 -4.29
CA ASN B 277 -22.43 9.17 -4.52
C ASN B 277 -21.74 8.21 -5.47
N GLN B 278 -21.11 8.74 -6.53
CA GLN B 278 -20.36 7.90 -7.45
C GLN B 278 -19.30 7.09 -6.72
N VAL B 279 -18.57 7.72 -5.81
CA VAL B 279 -17.56 7.00 -5.04
C VAL B 279 -18.22 5.96 -4.14
N ALA B 280 -19.30 6.34 -3.47
CA ALA B 280 -19.97 5.42 -2.55
C ALA B 280 -20.53 4.20 -3.27
N GLU B 281 -21.00 4.38 -4.52
CA GLU B 281 -21.52 3.24 -5.26
C GLU B 281 -20.41 2.26 -5.61
N ALA B 282 -19.24 2.76 -5.99
CA ALA B 282 -18.13 1.87 -6.33
C ALA B 282 -17.64 1.11 -5.10
N VAL B 283 -17.61 1.75 -3.94
CA VAL B 283 -17.21 1.06 -2.71
C VAL B 283 -18.21 -0.04 -2.37
N ALA B 284 -19.51 0.25 -2.51
CA ALA B 284 -20.52 -0.78 -2.30
C ALA B 284 -20.41 -1.88 -3.34
N GLY B 285 -20.16 -1.50 -4.60
CA GLY B 285 -19.98 -2.50 -5.64
C GLY B 285 -18.76 -3.36 -5.42
N ALA B 286 -17.74 -2.84 -4.73
CA ALA B 286 -16.58 -3.62 -4.36
C ALA B 286 -16.80 -4.47 -3.11
N GLY B 287 -17.98 -4.37 -2.49
CA GLY B 287 -18.32 -5.22 -1.37
C GLY B 287 -18.22 -4.56 -0.01
N GLY B 288 -18.18 -3.24 0.06
CA GLY B 288 -18.09 -2.54 1.34
C GLY B 288 -19.43 -2.07 1.85
N LYS B 289 -19.56 -2.06 3.18
CA LYS B 289 -20.75 -1.55 3.86
C LYS B 289 -20.60 -0.03 3.95
N VAL B 290 -21.28 0.67 3.04
CA VAL B 290 -21.04 2.09 2.81
C VAL B 290 -21.85 2.93 3.79
N THR B 291 -21.23 4.01 4.28
CA THR B 291 -21.91 5.07 5.02
C THR B 291 -21.50 6.40 4.39
N ILE B 292 -22.46 7.09 3.78
CA ILE B 292 -22.22 8.39 3.15
C ILE B 292 -22.36 9.47 4.22
N THR B 293 -21.38 10.36 4.29
CA THR B 293 -21.40 11.43 5.29
C THR B 293 -20.53 12.58 4.79
N LYS B 294 -20.22 13.50 5.69
CA LYS B 294 -19.40 14.66 5.37
C LYS B 294 -18.86 15.23 6.66
N PRO B 295 -17.80 16.05 6.61
CA PRO B 295 -17.26 16.64 7.83
C PRO B 295 -18.25 17.61 8.46
N THR B 296 -18.16 17.74 9.77
CA THR B 296 -18.98 18.68 10.54
C THR B 296 -18.09 19.57 11.37
N GLU B 297 -18.56 20.79 11.61
CA GLU B 297 -17.89 21.75 12.48
C GLU B 297 -18.47 21.78 13.88
N GLN B 298 -19.65 21.20 14.07
CA GLN B 298 -20.33 21.22 15.36
C GLN B 298 -20.08 19.90 16.09
N GLY B 299 -19.63 20.01 17.34
CA GLY B 299 -19.51 18.84 18.19
C GLY B 299 -20.82 18.49 18.85
N LEU B 300 -20.87 18.57 20.18
CA LEU B 300 -22.08 18.24 20.93
C LEU B 300 -23.07 19.39 20.86
N LYS B 301 -24.29 19.08 20.45
CA LYS B 301 -25.35 20.07 20.36
C LYS B 301 -26.58 19.58 21.11
N VAL B 302 -27.25 20.51 21.80
CA VAL B 302 -28.53 20.22 22.44
C VAL B 302 -29.60 20.26 21.37
N ASP B 303 -29.94 19.11 20.81
CA ASP B 303 -30.88 19.00 19.68
C ASP B 303 -32.19 19.74 19.94
OP2 PMV C . 10.92 -3.14 -16.02
P PMV C . 12.33 -2.61 -15.97
OP3 PMV C . 13.30 -3.66 -16.45
OP1 PMV C . 12.43 -1.37 -16.82
O5 PMV C . 12.70 -2.20 -14.40
C5 PMV C . 11.70 -1.62 -13.60
C4 PMV C . 12.30 -0.98 -12.36
C3 PMV C . 12.43 0.53 -12.52
O3A PMV C . 12.53 1.13 -11.23
C3A PMV C . 11.18 1.09 -13.20
C2 PMV C . 13.65 0.87 -13.37
C1 PMV C . 14.85 1.19 -12.47
O2 PMV C . 15.84 1.79 -12.96
O1 PMV C . 14.84 0.84 -11.26
C1 GOL D . 1.62 -9.19 6.30
O1 GOL D . 2.72 -8.56 6.85
C2 GOL D . 0.72 -8.08 5.68
O2 GOL D . -0.40 -8.63 5.05
C3 GOL D . 1.63 -7.32 4.69
O3 GOL D . 2.31 -6.33 5.40
C1 GOL E . 27.91 3.60 -17.63
O1 GOL E . 27.24 3.39 -18.83
C2 GOL E . 28.50 2.24 -17.21
O2 GOL E . 27.52 1.37 -16.74
C3 GOL E . 29.55 2.57 -16.13
O3 GOL E . 28.84 2.97 -15.00
C1 GOL F . 26.47 -19.34 -17.09
O1 GOL F . 25.30 -19.91 -17.61
C2 GOL F . 26.14 -17.85 -16.80
O2 GOL F . 26.22 -17.06 -17.93
C3 GOL F . 27.14 -17.42 -15.69
O3 GOL F . 26.74 -18.06 -14.51
C1 GOL G . 13.48 -27.22 -13.11
O1 GOL G . 13.08 -27.22 -14.44
C2 GOL G . 13.62 -25.74 -12.67
O2 GOL G . 12.79 -24.90 -13.40
C3 GOL G . 15.12 -25.40 -12.85
O3 GOL G . 15.32 -24.14 -12.27
C1 GOL H . 23.34 3.15 -2.06
O1 GOL H . 23.27 3.96 -0.91
C2 GOL H . 24.85 2.93 -2.38
O2 GOL H . 25.24 1.63 -2.13
C3 GOL H . 25.00 3.34 -3.86
O3 GOL H . 26.37 3.46 -4.11
C1 GOL I . 37.63 -9.20 -30.12
O1 GOL I . 36.76 -9.00 -29.04
C2 GOL I . 38.57 -10.39 -29.73
O2 GOL I . 37.86 -11.57 -29.56
C3 GOL I . 39.59 -10.50 -30.90
O3 GOL I . 40.39 -9.35 -30.84
C1 GOL J . 9.87 -25.05 -6.22
O1 GOL J . 8.87 -26.02 -6.27
C2 GOL J . 11.19 -25.79 -5.89
O2 GOL J . 11.51 -26.76 -6.83
C3 GOL J . 12.27 -24.67 -5.80
O3 GOL J . 13.45 -25.26 -5.34
OP2 PMV K . -8.26 4.13 19.68
P PMV K . -9.25 4.07 18.54
OP3 PMV K . -10.08 2.82 18.66
OP1 PMV K . -10.14 5.28 18.58
O5 PMV K . -8.42 4.04 17.10
C5 PMV K . -7.11 4.52 17.06
C4 PMV K . -6.30 3.70 16.06
C3 PMV K . -4.80 3.94 16.28
O3A PMV K . -4.46 5.27 15.88
C3A PMV K . -4.01 2.94 15.43
C2 PMV K . -4.43 3.74 17.74
C1 PMV K . -2.93 3.91 17.88
O2 PMV K . -2.41 5.04 17.70
O1 PMV K . -2.19 2.92 18.15
C1 GOL L . -1.50 7.84 -5.92
O1 GOL L . -2.22 8.97 -5.50
C2 GOL L . -2.38 6.59 -5.63
O2 GOL L . -2.70 5.91 -6.79
C3 GOL L . -1.58 5.71 -4.63
O3 GOL L . -0.56 6.49 -4.05
C1 GOL M . -23.54 2.30 26.13
O1 GOL M . -22.37 2.60 26.81
C2 GOL M . -23.15 1.45 24.90
O2 GOL M . -22.21 0.49 25.20
C3 GOL M . -24.48 0.83 24.41
O3 GOL M . -25.29 1.87 23.98
C1 GOL N . -18.09 -3.85 12.07
O1 GOL N . -18.15 -2.46 12.20
C2 GOL N . -16.73 -4.30 12.65
O2 GOL N . -16.81 -5.55 13.26
C3 GOL N . -15.76 -4.31 11.45
O3 GOL N . -15.79 -3.02 10.92
C1 GOL O . -14.95 3.54 18.88
O1 GOL O . -13.89 4.36 18.47
C2 GOL O . -14.34 2.15 19.22
O2 GOL O . -15.29 1.14 19.10
C3 GOL O . -13.16 1.97 18.23
O3 GOL O . -12.41 0.87 18.68
C1 GOL P . -16.58 -2.39 -8.43
O1 GOL P . -16.84 -1.51 -7.38
C2 GOL P . -15.69 -3.54 -7.89
O2 GOL P . -16.29 -4.78 -8.03
C3 GOL P . -14.37 -3.44 -8.70
O3 GOL P . -13.86 -2.15 -8.52
C1 GOL Q . -8.41 -12.23 7.44
O1 GOL Q . -8.00 -11.01 7.99
C2 GOL Q . -9.15 -11.88 6.13
O2 GOL Q . -9.51 -13.03 5.41
C3 GOL Q . -8.18 -10.96 5.35
O3 GOL Q . -8.74 -10.73 4.09
#